data_5K58
#
_entry.id   5K58
#
_cell.length_a   84.800
_cell.length_b   84.800
_cell.length_c   161.600
_cell.angle_alpha   90.000
_cell.angle_beta   90.000
_cell.angle_gamma   120.000
#
_symmetry.space_group_name_H-M   'P 32'
#
loop_
_entity.id
_entity.type
_entity.pdbx_description
1 polymer 'Nucleoid occlusion factor SlmA'
2 polymer "DNA (5'-D(*GP*TP*GP*AP*GP*TP*AP*CP*TP*CP*AP*C)-3')"
3 polymer Octapeptide
4 water water
#
loop_
_entity_poly.entity_id
_entity_poly.type
_entity_poly.pdbx_seq_one_letter_code
_entity_poly.pdbx_strand_id
1 'polypeptide(L)'
;RNRREEILQSLALMLESSDGSQRITTAKLAASVGVSEAALYRHFPSKTRMFDSLIEFIEDSLITRINLILKDEKDTTARL
RLIVLLLLGFGERNPGLTRILTGHALMFEQDRLQGRINQLFERIEAQLRQVMREKRMREGEGYTTDETLLASQILAFCEG
MLSRFVRSEFKYRPTDDFDARWPLIAAQLQ
;
E,F,A,B
2 'polydeoxyribonucleotide' (DG)(DT)(DG)(DA)(DG)(DT)(DA)(DC)(DT)(DC)(DA)(DC) R,T
3 'polypeptide(L)' LDIPAFLR L,K,N,M
#
loop_
_chem_comp.id
_chem_comp.type
_chem_comp.name
_chem_comp.formula
DA DNA linking 2'-DEOXYADENOSINE-5'-MONOPHOSPHATE 'C10 H14 N5 O6 P'
DC DNA linking 2'-DEOXYCYTIDINE-5'-MONOPHOSPHATE 'C9 H14 N3 O7 P'
DG DNA linking 2'-DEOXYGUANOSINE-5'-MONOPHOSPHATE 'C10 H14 N5 O7 P'
DT DNA linking THYMIDINE-5'-MONOPHOSPHATE 'C10 H15 N2 O8 P'
#
# COMPACT_ATOMS: atom_id res chain seq x y z
N ARG A 1 -8.50 26.03 6.46
CA ARG A 1 -9.89 26.39 6.69
C ARG A 1 -10.76 26.16 5.45
N ASN A 2 -10.92 27.21 4.64
CA ASN A 2 -11.89 27.18 3.55
C ASN A 2 -11.72 26.00 2.61
N ARG A 3 -10.52 25.83 2.06
CA ARG A 3 -10.20 24.78 1.10
C ARG A 3 -10.67 23.42 1.56
N ARG A 4 -10.43 23.14 2.84
CA ARG A 4 -10.91 21.93 3.48
C ARG A 4 -12.43 21.83 3.46
N GLU A 5 -13.08 22.81 4.07
CA GLU A 5 -14.53 22.78 4.26
C GLU A 5 -15.30 23.18 3.00
N GLU A 6 -14.62 23.17 1.86
CA GLU A 6 -15.28 23.47 0.60
C GLU A 6 -15.33 22.21 -0.27
N ILE A 7 -14.45 21.26 0.04
CA ILE A 7 -14.44 19.99 -0.69
C ILE A 7 -15.34 18.98 0.00
N LEU A 8 -15.32 18.98 1.33
CA LEU A 8 -16.25 18.17 2.12
C LEU A 8 -17.69 18.42 1.65
N GLN A 9 -17.98 19.68 1.31
CA GLN A 9 -19.21 20.07 0.66
C GLN A 9 -19.45 19.27 -0.61
N SER A 10 -18.53 19.40 -1.55
CA SER A 10 -18.60 18.71 -2.84
C SER A 10 -18.77 17.21 -2.64
N LEU A 11 -18.01 16.63 -1.72
CA LEU A 11 -18.16 15.22 -1.34
C LEU A 11 -19.60 14.90 -0.90
N ALA A 12 -20.15 15.73 -0.02
CA ALA A 12 -21.52 15.55 0.43
C ALA A 12 -22.48 15.69 -0.75
N LEU A 13 -22.25 16.69 -1.59
CA LEU A 13 -23.06 16.92 -2.79
C LEU A 13 -23.11 15.68 -3.69
N MET A 14 -22.10 14.82 -3.59
CA MET A 14 -22.10 13.57 -4.33
C MET A 14 -22.90 12.50 -3.58
N LEU A 15 -22.64 12.36 -2.28
CA LEU A 15 -23.33 11.38 -1.44
C LEU A 15 -24.84 11.49 -1.53
N GLU A 16 -25.33 12.71 -1.69
CA GLU A 16 -26.75 12.95 -1.84
C GLU A 16 -27.21 12.59 -3.25
N SER A 17 -26.33 12.80 -4.23
CA SER A 17 -26.68 12.70 -5.65
C SER A 17 -26.99 11.27 -6.12
N SER A 18 -27.17 11.10 -7.42
CA SER A 18 -27.49 9.79 -7.98
C SER A 18 -26.26 8.88 -7.98
N ASP A 19 -25.08 9.49 -8.04
CA ASP A 19 -23.82 8.73 -8.06
C ASP A 19 -23.42 8.22 -6.69
N GLY A 20 -24.04 8.77 -5.65
CA GLY A 20 -23.72 8.44 -4.27
C GLY A 20 -23.79 6.96 -3.95
N SER A 21 -24.52 6.22 -4.77
CA SER A 21 -24.62 4.76 -4.66
C SER A 21 -23.34 4.04 -5.11
N GLN A 22 -22.57 4.69 -5.99
CA GLN A 22 -21.33 4.11 -6.49
C GLN A 22 -20.15 4.56 -5.63
N ARG A 23 -18.98 3.96 -5.87
CA ARG A 23 -17.76 4.37 -5.21
C ARG A 23 -17.41 5.78 -5.64
N ILE A 24 -17.04 6.62 -4.67
CA ILE A 24 -16.66 8.01 -4.96
C ILE A 24 -15.16 8.08 -5.20
N THR A 25 -14.79 8.20 -6.48
CA THR A 25 -13.38 8.10 -6.87
C THR A 25 -12.68 9.45 -6.76
N THR A 26 -11.34 9.43 -6.77
CA THR A 26 -10.55 10.65 -6.73
C THR A 26 -10.80 11.46 -7.99
N ALA A 27 -10.89 10.75 -9.11
CA ALA A 27 -11.14 11.35 -10.42
C ALA A 27 -12.38 12.21 -10.39
N LYS A 28 -13.50 11.56 -10.06
CA LYS A 28 -14.81 12.21 -10.04
C LYS A 28 -14.95 13.26 -8.95
N LEU A 29 -14.26 13.05 -7.83
CA LEU A 29 -14.33 13.99 -6.71
C LEU A 29 -13.70 15.34 -7.10
N ALA A 30 -12.68 15.29 -7.95
CA ALA A 30 -12.06 16.50 -8.49
C ALA A 30 -13.02 17.24 -9.44
N ALA A 31 -13.83 16.50 -10.19
CA ALA A 31 -14.75 17.09 -11.15
C ALA A 31 -15.70 18.10 -10.52
N SER A 32 -16.13 17.82 -9.28
CA SER A 32 -17.04 18.71 -8.56
C SER A 32 -16.31 20.00 -8.17
N VAL A 33 -15.15 19.85 -7.53
CA VAL A 33 -14.37 21.01 -7.14
C VAL A 33 -13.79 21.71 -8.36
N GLY A 34 -13.53 20.93 -9.42
CA GLY A 34 -13.00 21.47 -10.67
C GLY A 34 -11.48 21.54 -10.68
N VAL A 35 -10.88 21.14 -9.57
CA VAL A 35 -9.44 21.19 -9.41
C VAL A 35 -8.83 19.88 -9.88
N SER A 36 -7.55 19.69 -9.59
CA SER A 36 -6.87 18.47 -9.98
C SER A 36 -6.96 17.42 -8.88
N GLU A 37 -6.76 16.17 -9.28
CA GLU A 37 -6.70 15.04 -8.35
C GLU A 37 -5.56 15.21 -7.34
N ALA A 38 -4.57 16.01 -7.72
CA ALA A 38 -3.44 16.30 -6.84
C ALA A 38 -3.77 17.40 -5.83
N ALA A 39 -4.53 18.39 -6.27
CA ALA A 39 -4.90 19.55 -5.46
C ALA A 39 -5.56 19.16 -4.13
N LEU A 40 -6.38 18.11 -4.20
CA LEU A 40 -7.03 17.55 -3.03
C LEU A 40 -6.03 17.13 -1.96
N TYR A 41 -5.01 16.39 -2.38
CA TYR A 41 -4.02 15.87 -1.45
C TYR A 41 -3.12 16.96 -0.86
N ARG A 42 -3.34 18.20 -1.29
CA ARG A 42 -2.61 19.34 -0.76
C ARG A 42 -3.32 19.86 0.50
N HIS A 43 -4.52 19.34 0.74
CA HIS A 43 -5.33 19.79 1.87
C HIS A 43 -5.78 18.63 2.77
N PHE A 44 -5.84 17.42 2.21
CA PHE A 44 -6.06 16.23 3.02
C PHE A 44 -4.89 15.29 2.79
N PRO A 45 -4.53 14.48 3.80
CA PRO A 45 -3.46 13.52 3.54
C PRO A 45 -3.98 12.30 2.78
N SER A 46 -5.29 12.09 2.83
CA SER A 46 -5.91 10.92 2.20
C SER A 46 -7.41 11.08 2.05
N LYS A 47 -8.01 10.28 1.18
CA LYS A 47 -9.45 10.31 1.01
C LYS A 47 -10.15 9.75 2.25
N THR A 48 -9.44 8.92 3.00
CA THR A 48 -9.95 8.37 4.25
C THR A 48 -10.29 9.50 5.22
N ARG A 49 -9.43 10.52 5.28
CA ARG A 49 -9.63 11.66 6.17
C ARG A 49 -10.87 12.46 5.80
N MET A 50 -11.09 12.61 4.50
CA MET A 50 -12.31 13.23 3.98
C MET A 50 -13.58 12.63 4.57
N PHE A 51 -13.49 11.37 5.01
CA PHE A 51 -14.62 10.69 5.60
C PHE A 51 -14.57 10.69 7.11
N ASP A 52 -13.42 11.02 7.70
CA ASP A 52 -13.31 11.12 9.15
C ASP A 52 -13.88 12.45 9.65
N SER A 53 -13.63 13.51 8.88
CA SER A 53 -14.15 14.84 9.19
C SER A 53 -15.67 14.83 9.15
N LEU A 54 -16.22 14.20 8.12
CA LEU A 54 -17.66 14.01 8.01
C LEU A 54 -18.23 13.39 9.29
N ILE A 55 -17.63 12.28 9.70
CA ILE A 55 -18.06 11.56 10.89
C ILE A 55 -17.92 12.39 12.16
N GLU A 56 -16.85 13.16 12.29
CA GLU A 56 -16.73 14.06 13.45
C GLU A 56 -17.94 14.99 13.51
N PHE A 57 -18.25 15.64 12.40
CA PHE A 57 -19.43 16.51 12.28
C PHE A 57 -20.72 15.88 12.83
N ILE A 58 -21.07 14.69 12.33
CA ILE A 58 -22.22 13.93 12.85
C ILE A 58 -22.06 13.62 14.33
N GLU A 59 -20.85 13.29 14.75
CA GLU A 59 -20.58 12.93 16.15
C GLU A 59 -20.62 14.13 17.08
N ASP A 60 -20.25 15.30 16.56
CA ASP A 60 -20.27 16.52 17.35
C ASP A 60 -21.64 17.14 17.42
N SER A 61 -22.46 16.87 16.41
CA SER A 61 -23.76 17.54 16.28
C SER A 61 -24.85 16.87 17.09
N LEU A 62 -25.13 15.60 16.77
CA LEU A 62 -26.15 14.82 17.45
C LEU A 62 -25.91 14.80 18.96
N ILE A 63 -24.64 14.80 19.35
CA ILE A 63 -24.24 14.60 20.74
C ILE A 63 -24.24 15.91 21.54
N THR A 64 -23.94 17.01 20.87
CA THR A 64 -24.07 18.33 21.48
C THR A 64 -25.50 18.53 21.96
N ARG A 65 -26.41 18.29 21.03
CA ARG A 65 -27.84 18.42 21.24
C ARG A 65 -28.35 17.51 22.35
N ILE A 66 -27.83 16.30 22.44
CA ILE A 66 -28.29 15.34 23.45
C ILE A 66 -27.90 15.84 24.83
N ASN A 67 -26.68 16.35 24.92
CA ASN A 67 -26.23 17.02 26.14
C ASN A 67 -26.93 18.36 26.29
N LEU A 68 -27.78 18.72 25.33
CA LEU A 68 -28.51 19.97 25.38
C LEU A 68 -30.01 19.73 25.60
N ILE A 69 -30.44 18.48 25.44
CA ILE A 69 -31.85 18.13 25.65
C ILE A 69 -32.17 17.97 27.15
N LEU A 70 -31.21 17.47 27.93
CA LEU A 70 -31.36 17.32 29.38
C LEU A 70 -31.35 18.67 30.10
N LYS A 71 -30.28 19.42 29.92
CA LYS A 71 -30.11 20.73 30.58
C LYS A 71 -31.07 21.80 30.05
N ASP A 72 -32.22 21.37 29.57
CA ASP A 72 -33.27 22.26 29.07
C ASP A 72 -34.64 21.60 29.14
N GLU A 73 -34.65 20.28 29.36
CA GLU A 73 -35.90 19.50 29.39
C GLU A 73 -35.78 18.27 30.30
N LYS A 74 -36.47 18.33 31.45
CA LYS A 74 -36.41 17.23 32.41
C LYS A 74 -37.56 16.25 32.22
N ASP A 75 -38.53 16.60 31.39
CA ASP A 75 -39.68 15.73 31.19
C ASP A 75 -39.23 14.38 30.64
N THR A 76 -39.13 13.43 31.56
CA THR A 76 -38.71 12.05 31.32
C THR A 76 -39.16 11.48 29.97
N THR A 77 -40.35 11.87 29.53
CA THR A 77 -40.97 11.30 28.36
C THR A 77 -40.85 12.21 27.14
N ALA A 78 -40.95 13.52 27.34
CA ALA A 78 -40.79 14.48 26.26
C ALA A 78 -39.36 14.43 25.68
N ARG A 79 -38.39 14.12 26.54
CA ARG A 79 -36.99 13.92 26.14
C ARG A 79 -36.84 13.08 24.88
N LEU A 80 -37.33 11.84 24.95
CA LEU A 80 -37.25 10.87 23.86
C LEU A 80 -37.71 11.44 22.53
N ARG A 81 -38.86 12.10 22.55
CA ARG A 81 -39.40 12.75 21.37
C ARG A 81 -38.36 13.69 20.78
N LEU A 82 -37.76 14.52 21.62
CA LEU A 82 -36.72 15.43 21.16
C LEU A 82 -35.50 14.67 20.62
N ILE A 83 -35.20 13.53 21.21
CA ILE A 83 -34.09 12.70 20.74
C ILE A 83 -34.48 12.01 19.44
N VAL A 84 -35.60 11.30 19.49
CA VAL A 84 -36.11 10.56 18.35
C VAL A 84 -36.47 11.51 17.18
N LEU A 85 -36.72 12.78 17.48
CA LEU A 85 -36.88 13.82 16.46
C LEU A 85 -35.53 14.40 16.01
N LEU A 86 -34.56 14.41 16.92
CA LEU A 86 -33.24 14.94 16.60
C LEU A 86 -32.56 14.07 15.57
N LEU A 87 -32.51 12.78 15.87
CA LEU A 87 -31.92 11.78 14.99
C LEU A 87 -32.58 11.76 13.61
N LEU A 88 -33.90 11.65 13.59
CA LEU A 88 -34.65 11.60 12.35
C LEU A 88 -34.72 12.97 11.68
N GLY A 89 -34.49 14.01 12.47
CA GLY A 89 -34.42 15.37 11.93
C GLY A 89 -33.12 15.62 11.20
N PHE A 90 -32.04 15.05 11.72
CA PHE A 90 -30.73 15.15 11.09
C PHE A 90 -30.74 14.45 9.74
N GLY A 91 -31.30 13.24 9.71
CA GLY A 91 -31.36 12.44 8.50
C GLY A 91 -31.96 13.19 7.34
N GLU A 92 -33.25 13.47 7.45
CA GLU A 92 -34.00 14.23 6.46
C GLU A 92 -33.31 15.52 6.01
N ARG A 93 -32.61 16.14 6.95
CA ARG A 93 -31.92 17.39 6.71
C ARG A 93 -30.57 17.15 6.05
N ASN A 94 -30.02 15.96 6.24
CA ASN A 94 -28.70 15.62 5.72
C ASN A 94 -28.68 14.27 5.00
N PRO A 95 -29.15 14.26 3.75
CA PRO A 95 -29.26 13.05 2.93
C PRO A 95 -27.93 12.31 2.75
N GLY A 96 -26.88 13.07 2.44
CA GLY A 96 -25.57 12.50 2.18
C GLY A 96 -24.91 11.93 3.43
N LEU A 97 -25.06 12.65 4.54
CA LEU A 97 -24.48 12.23 5.81
C LEU A 97 -25.22 11.04 6.38
N THR A 98 -26.45 10.86 5.93
CA THR A 98 -27.24 9.72 6.32
C THR A 98 -26.68 8.46 5.67
N ARG A 99 -26.20 8.62 4.44
CA ARG A 99 -25.64 7.50 3.70
C ARG A 99 -24.37 6.97 4.36
N ILE A 100 -23.68 7.81 5.10
CA ILE A 100 -22.60 7.29 5.93
C ILE A 100 -23.16 6.76 7.24
N LEU A 101 -24.20 7.40 7.78
CA LEU A 101 -24.83 6.96 9.02
C LEU A 101 -25.33 5.52 8.89
N THR A 102 -26.16 5.27 7.88
CA THR A 102 -26.61 3.92 7.54
C THR A 102 -25.42 2.98 7.34
N GLY A 103 -24.39 3.46 6.65
CA GLY A 103 -23.18 2.68 6.45
C GLY A 103 -23.09 2.04 5.07
N HIS A 104 -23.77 2.65 4.10
CA HIS A 104 -23.66 2.23 2.71
C HIS A 104 -22.50 2.94 2.05
N ALA A 105 -22.33 4.22 2.38
CA ALA A 105 -21.22 5.00 1.86
C ALA A 105 -19.88 4.47 2.37
N LEU A 106 -19.93 3.79 3.53
CA LEU A 106 -18.74 3.24 4.15
C LEU A 106 -18.22 2.01 3.42
N MET A 107 -19.09 1.39 2.63
CA MET A 107 -18.78 0.15 1.94
C MET A 107 -17.58 0.27 1.01
N PHE A 108 -17.51 1.39 0.30
CA PHE A 108 -16.41 1.68 -0.61
C PHE A 108 -15.17 2.15 0.14
N GLU A 109 -15.29 2.23 1.46
CA GLU A 109 -14.19 2.68 2.28
C GLU A 109 -13.74 1.62 3.29
N GLN A 110 -13.05 2.05 4.33
CA GLN A 110 -12.38 1.10 5.23
C GLN A 110 -13.17 0.81 6.49
N ASP A 111 -13.09 -0.44 6.96
CA ASP A 111 -13.89 -0.93 8.08
C ASP A 111 -13.68 -0.10 9.34
N ARG A 112 -12.50 0.51 9.45
CA ARG A 112 -12.15 1.39 10.58
C ARG A 112 -13.22 2.44 10.84
N LEU A 113 -13.81 2.91 9.74
CA LEU A 113 -14.77 4.01 9.77
C LEU A 113 -16.11 3.54 10.30
N GLN A 114 -16.34 2.24 10.21
CA GLN A 114 -17.62 1.68 10.65
C GLN A 114 -17.69 1.74 12.15
N GLY A 115 -16.56 1.53 12.82
CA GLY A 115 -16.52 1.48 14.28
C GLY A 115 -16.97 2.79 14.88
N ARG A 116 -16.49 3.88 14.31
CA ARG A 116 -17.00 5.22 14.57
C ARG A 116 -18.52 5.28 14.69
N ILE A 117 -19.21 4.82 13.65
CA ILE A 117 -20.67 4.96 13.60
C ILE A 117 -21.36 4.11 14.66
N ASN A 118 -20.92 2.86 14.75
CA ASN A 118 -21.35 1.97 15.81
C ASN A 118 -21.14 2.65 17.17
N GLN A 119 -19.89 2.99 17.47
CA GLN A 119 -19.52 3.68 18.72
C GLN A 119 -20.29 4.98 18.94
N LEU A 120 -20.85 5.51 17.86
CA LEU A 120 -21.79 6.61 17.98
C LEU A 120 -23.17 6.07 18.33
N PHE A 121 -23.67 5.11 17.55
CA PHE A 121 -24.95 4.46 17.82
C PHE A 121 -25.00 3.82 19.22
N GLU A 122 -23.82 3.59 19.80
CA GLU A 122 -23.71 3.00 21.12
C GLU A 122 -23.56 4.07 22.20
N ARG A 123 -23.16 5.27 21.81
CA ARG A 123 -23.20 6.38 22.75
C ARG A 123 -24.61 6.98 22.74
N ILE A 124 -25.30 6.88 21.60
CA ILE A 124 -26.70 7.33 21.50
C ILE A 124 -27.65 6.42 22.28
N GLU A 125 -27.48 5.11 22.14
CA GLU A 125 -28.32 4.16 22.87
C GLU A 125 -28.04 4.26 24.37
N ALA A 126 -26.89 4.81 24.73
CA ALA A 126 -26.51 5.01 26.12
C ALA A 126 -27.12 6.31 26.67
N GLN A 127 -27.17 7.34 25.83
CA GLN A 127 -27.93 8.54 26.14
C GLN A 127 -29.37 8.17 26.47
N LEU A 128 -29.89 7.19 25.72
CA LEU A 128 -31.26 6.72 25.87
C LEU A 128 -31.46 5.90 27.13
N ARG A 129 -30.52 4.99 27.38
CA ARG A 129 -30.52 4.20 28.60
C ARG A 129 -30.72 5.13 29.79
N GLN A 130 -29.93 6.21 29.82
CA GLN A 130 -30.01 7.23 30.84
C GLN A 130 -31.38 7.86 31.00
N VAL A 131 -31.88 8.49 29.93
CA VAL A 131 -33.17 9.20 29.92
C VAL A 131 -34.27 8.47 30.66
N MET A 132 -34.34 7.17 30.39
CA MET A 132 -35.39 6.29 30.88
C MET A 132 -35.01 5.63 32.21
N ARG A 133 -33.72 5.37 32.38
CA ARG A 133 -33.19 4.90 33.66
C ARG A 133 -33.51 5.91 34.77
N GLU A 134 -33.48 7.17 34.38
CA GLU A 134 -33.71 8.27 35.30
C GLU A 134 -35.16 8.44 35.66
N LYS A 135 -36.06 7.63 35.11
CA LYS A 135 -37.49 7.89 35.31
C LYS A 135 -37.90 7.79 36.77
N ARG A 136 -37.57 6.68 37.42
CA ARG A 136 -37.95 6.46 38.81
C ARG A 136 -37.34 7.53 39.71
N MET A 137 -36.17 8.01 39.34
CA MET A 137 -35.51 9.13 40.00
C MET A 137 -36.42 10.36 40.06
N ARG A 138 -37.40 10.42 39.16
CA ARG A 138 -38.27 11.59 39.03
C ARG A 138 -39.64 11.39 39.66
N GLU A 139 -40.16 10.17 39.69
CA GLU A 139 -41.52 9.95 40.22
C GLU A 139 -41.83 8.53 40.68
N GLY A 140 -40.91 7.93 41.43
CA GLY A 140 -41.16 6.70 42.18
C GLY A 140 -41.81 5.55 41.44
N GLU A 141 -41.85 5.63 40.12
CA GLU A 141 -42.42 4.59 39.29
C GLU A 141 -41.77 4.65 37.93
N GLY A 142 -41.08 3.57 37.56
CA GLY A 142 -40.28 3.57 36.35
C GLY A 142 -40.85 2.71 35.24
N TYR A 143 -40.25 1.55 35.03
CA TYR A 143 -40.65 0.70 33.93
C TYR A 143 -40.88 -0.76 34.33
N THR A 144 -41.18 -1.58 33.33
CA THR A 144 -41.42 -3.00 33.51
C THR A 144 -40.57 -3.76 32.49
N THR A 145 -40.61 -3.29 31.26
CA THR A 145 -39.69 -3.71 30.22
C THR A 145 -38.32 -3.13 30.54
N ASP A 146 -37.29 -3.97 30.56
CA ASP A 146 -35.94 -3.53 30.93
C ASP A 146 -35.47 -2.39 30.04
N GLU A 147 -34.77 -1.43 30.64
CA GLU A 147 -34.47 -0.17 29.99
C GLU A 147 -33.55 -0.29 28.77
N THR A 148 -32.77 -1.36 28.74
CA THR A 148 -31.81 -1.58 27.67
C THR A 148 -32.45 -2.33 26.51
N LEU A 149 -33.40 -3.20 26.85
CA LEU A 149 -34.21 -3.86 25.84
C LEU A 149 -35.18 -2.84 25.22
N LEU A 150 -35.35 -1.70 25.90
CA LEU A 150 -36.15 -0.59 25.39
C LEU A 150 -35.36 0.34 24.48
N ALA A 151 -34.25 0.83 25.01
CA ALA A 151 -33.37 1.75 24.30
C ALA A 151 -32.99 1.19 22.93
N SER A 152 -32.76 -0.11 22.90
CA SER A 152 -32.50 -0.81 21.65
C SER A 152 -33.71 -0.68 20.72
N GLN A 153 -34.88 -1.07 21.19
CA GLN A 153 -36.11 -1.02 20.38
C GLN A 153 -36.35 0.36 19.79
N ILE A 154 -36.23 1.38 20.63
CA ILE A 154 -36.36 2.77 20.22
C ILE A 154 -35.41 3.11 19.06
N LEU A 155 -34.12 2.90 19.29
CA LEU A 155 -33.12 3.23 18.27
C LEU A 155 -33.18 2.22 17.13
N ALA A 156 -33.61 1.01 17.40
CA ALA A 156 -33.83 0.03 16.34
C ALA A 156 -34.81 0.60 15.31
N PHE A 157 -35.89 1.20 15.79
CA PHE A 157 -36.87 1.84 14.91
C PHE A 157 -36.19 2.86 13.97
N CYS A 158 -35.28 3.65 14.52
CA CYS A 158 -34.63 4.73 13.78
C CYS A 158 -33.79 4.24 12.61
N GLU A 159 -32.96 3.23 12.85
CA GLU A 159 -32.09 2.67 11.82
C GLU A 159 -32.88 2.09 10.65
N GLY A 160 -34.16 1.81 10.91
CA GLY A 160 -35.09 1.38 9.88
C GLY A 160 -35.55 2.52 8.99
N MET A 161 -35.95 3.64 9.60
CA MET A 161 -36.36 4.82 8.84
C MET A 161 -35.21 5.39 8.02
N LEU A 162 -34.03 5.47 8.65
CA LEU A 162 -32.84 6.01 7.99
C LEU A 162 -32.38 5.14 6.82
N SER A 163 -32.78 3.88 6.84
CA SER A 163 -32.46 2.94 5.76
C SER A 163 -33.42 3.13 4.59
N ARG A 164 -34.69 3.38 4.90
CA ARG A 164 -35.69 3.66 3.89
C ARG A 164 -35.47 5.05 3.28
N PHE A 165 -34.91 5.95 4.08
CA PHE A 165 -34.54 7.28 3.61
C PHE A 165 -33.52 7.16 2.50
N VAL A 166 -32.64 6.16 2.60
CA VAL A 166 -31.61 5.94 1.60
C VAL A 166 -32.12 5.10 0.44
N ARG A 167 -32.44 3.83 0.71
CA ARG A 167 -32.74 2.87 -0.35
C ARG A 167 -33.98 3.22 -1.17
N SER A 168 -34.53 4.42 -0.94
CA SER A 168 -35.60 4.95 -1.77
C SER A 168 -35.13 6.22 -2.50
N GLU A 169 -33.82 6.35 -2.66
CA GLU A 169 -33.17 7.53 -3.25
C GLU A 169 -33.75 8.83 -2.69
N PHE A 170 -34.06 8.78 -1.39
CA PHE A 170 -34.58 9.92 -0.61
C PHE A 170 -36.00 10.33 -1.00
N LYS A 171 -36.92 9.38 -0.87
CA LYS A 171 -38.34 9.64 -1.01
C LYS A 171 -39.10 9.35 0.28
N TYR A 172 -38.51 8.55 1.16
CA TYR A 172 -39.19 8.25 2.42
C TYR A 172 -38.57 9.03 3.57
N ARG A 173 -39.01 10.28 3.71
CA ARG A 173 -38.48 11.21 4.70
C ARG A 173 -38.89 10.84 6.13
N PRO A 174 -37.91 10.70 7.02
CA PRO A 174 -38.13 10.24 8.40
C PRO A 174 -39.06 11.11 9.25
N THR A 175 -39.08 12.42 9.06
CA THR A 175 -39.94 13.26 9.91
C THR A 175 -41.42 13.19 9.53
N ASP A 176 -41.71 12.68 8.34
CA ASP A 176 -43.09 12.68 7.82
C ASP A 176 -44.06 11.97 8.75
N ASP A 177 -45.14 12.68 9.10
CA ASP A 177 -46.16 12.20 10.03
C ASP A 177 -45.55 11.48 11.24
N PHE A 178 -44.44 12.04 11.71
CA PHE A 178 -43.80 11.63 12.95
C PHE A 178 -44.80 11.70 14.11
N ASP A 179 -45.67 12.70 14.06
CA ASP A 179 -46.73 12.93 15.04
C ASP A 179 -47.69 11.74 15.19
N ALA A 180 -47.87 10.99 14.10
CA ALA A 180 -48.78 9.85 14.09
C ALA A 180 -48.07 8.57 14.51
N ARG A 181 -46.83 8.44 14.06
CA ARG A 181 -45.99 7.31 14.40
C ARG A 181 -45.58 7.33 15.87
N TRP A 182 -45.55 8.53 16.45
CA TRP A 182 -45.01 8.69 17.80
C TRP A 182 -45.85 8.07 18.92
N PRO A 183 -47.19 8.24 18.93
CA PRO A 183 -47.95 7.60 20.02
C PRO A 183 -47.78 6.08 20.04
N LEU A 184 -47.30 5.53 18.92
CA LEU A 184 -47.00 4.11 18.85
C LEU A 184 -45.75 3.85 19.67
N ILE A 185 -44.76 4.73 19.53
CA ILE A 185 -43.51 4.59 20.26
C ILE A 185 -43.70 4.84 21.75
N ALA A 186 -44.31 5.97 22.09
CA ALA A 186 -44.53 6.34 23.49
C ALA A 186 -45.36 5.29 24.20
N ALA A 187 -46.16 4.56 23.44
CA ALA A 187 -46.90 3.42 23.96
C ALA A 187 -45.96 2.29 24.40
N GLN A 188 -44.69 2.37 24.00
CA GLN A 188 -43.72 1.35 24.38
C GLN A 188 -42.87 1.76 25.57
N LEU A 189 -43.27 2.80 26.28
CA LEU A 189 -42.58 3.17 27.50
C LEU A 189 -43.25 2.49 28.69
N GLN A 190 -43.50 1.20 28.57
CA GLN A 190 -44.20 0.48 29.62
C GLN A 190 -43.28 0.13 30.77
N ASN B 2 -23.98 -29.92 -10.12
CA ASN B 2 -24.67 -28.76 -9.57
C ASN B 2 -23.72 -27.59 -9.36
N ARG B 3 -23.00 -27.24 -10.42
CA ARG B 3 -22.00 -26.18 -10.33
C ARG B 3 -22.65 -24.80 -10.22
N ARG B 4 -23.89 -24.70 -10.64
CA ARG B 4 -24.66 -23.46 -10.47
C ARG B 4 -25.37 -23.45 -9.13
N GLU B 5 -24.79 -24.12 -8.14
CA GLU B 5 -25.29 -24.08 -6.78
C GLU B 5 -24.13 -24.20 -5.79
N GLU B 6 -22.94 -24.43 -6.32
CA GLU B 6 -21.75 -24.49 -5.48
C GLU B 6 -21.09 -23.12 -5.42
N ILE B 7 -21.13 -22.38 -6.53
CA ILE B 7 -20.64 -21.01 -6.56
C ILE B 7 -21.44 -20.13 -5.63
N LEU B 8 -22.76 -20.17 -5.83
CA LEU B 8 -23.71 -19.45 -4.99
C LEU B 8 -23.44 -19.70 -3.52
N GLN B 9 -23.27 -20.97 -3.16
CA GLN B 9 -22.93 -21.37 -1.79
C GLN B 9 -21.61 -20.78 -1.34
N SER B 10 -20.64 -20.78 -2.24
CA SER B 10 -19.34 -20.19 -1.93
C SER B 10 -19.50 -18.69 -1.69
N LEU B 11 -20.32 -18.04 -2.52
CA LEU B 11 -20.52 -16.60 -2.41
C LEU B 11 -21.28 -16.23 -1.13
N ALA B 12 -22.37 -16.93 -0.88
CA ALA B 12 -23.18 -16.71 0.32
C ALA B 12 -22.35 -16.75 1.61
N LEU B 13 -21.50 -17.77 1.73
CA LEU B 13 -20.56 -17.90 2.84
C LEU B 13 -19.62 -16.69 2.91
N MET B 14 -19.24 -16.18 1.74
CA MET B 14 -18.30 -15.05 1.69
C MET B 14 -18.85 -13.79 2.34
N LEU B 15 -20.09 -13.46 2.03
CA LEU B 15 -20.77 -12.32 2.64
C LEU B 15 -20.85 -12.45 4.16
N GLU B 16 -20.68 -13.66 4.67
CA GLU B 16 -20.72 -13.91 6.11
C GLU B 16 -19.35 -13.67 6.73
N SER B 17 -18.30 -14.12 6.04
CA SER B 17 -16.93 -13.82 6.46
C SER B 17 -16.75 -12.32 6.54
N SER B 18 -15.87 -11.88 7.44
CA SER B 18 -15.61 -10.45 7.66
C SER B 18 -15.02 -9.81 6.40
N ASP B 19 -14.78 -10.63 5.38
CA ASP B 19 -14.50 -10.12 4.05
C ASP B 19 -15.78 -9.72 3.33
N GLY B 20 -16.91 -9.90 4.00
CA GLY B 20 -18.18 -9.44 3.47
C GLY B 20 -18.25 -7.92 3.34
N SER B 21 -17.59 -7.20 4.24
CA SER B 21 -17.61 -5.73 4.20
C SER B 21 -16.99 -5.18 2.91
N GLN B 22 -16.03 -5.91 2.37
CA GLN B 22 -15.33 -5.49 1.17
C GLN B 22 -15.92 -6.06 -0.11
N ARG B 23 -15.55 -5.44 -1.22
CA ARG B 23 -16.05 -5.78 -2.53
C ARG B 23 -15.64 -7.20 -2.89
N ILE B 24 -16.60 -8.10 -3.04
CA ILE B 24 -16.26 -9.44 -3.51
C ILE B 24 -15.90 -9.45 -4.99
N THR B 25 -14.64 -9.78 -5.29
CA THR B 25 -14.15 -9.83 -6.66
C THR B 25 -14.46 -11.18 -7.30
N THR B 26 -14.62 -11.18 -8.63
CA THR B 26 -14.88 -12.41 -9.38
C THR B 26 -13.62 -13.27 -9.46
N ALA B 27 -12.54 -12.77 -8.87
CA ALA B 27 -11.27 -13.46 -8.81
C ALA B 27 -11.19 -14.36 -7.58
N LYS B 28 -11.32 -13.75 -6.41
CA LYS B 28 -11.25 -14.48 -5.14
C LYS B 28 -12.48 -15.35 -4.93
N LEU B 29 -13.51 -15.11 -5.73
CA LEU B 29 -14.69 -15.96 -5.76
C LEU B 29 -14.29 -17.33 -6.30
N ALA B 30 -13.61 -17.35 -7.45
CA ALA B 30 -13.21 -18.60 -8.09
C ALA B 30 -12.27 -19.41 -7.22
N ALA B 31 -11.33 -18.70 -6.61
CA ALA B 31 -10.36 -19.30 -5.69
C ALA B 31 -11.05 -20.10 -4.59
N SER B 32 -12.03 -19.47 -3.95
CA SER B 32 -12.79 -20.13 -2.89
C SER B 32 -13.58 -21.31 -3.45
N VAL B 33 -14.23 -21.10 -4.59
CA VAL B 33 -14.93 -22.19 -5.28
C VAL B 33 -13.94 -23.31 -5.61
N GLY B 34 -12.76 -22.91 -6.07
CA GLY B 34 -11.71 -23.86 -6.38
C GLY B 34 -11.62 -24.12 -7.86
N VAL B 35 -11.85 -23.07 -8.65
CA VAL B 35 -11.85 -23.15 -10.11
C VAL B 35 -11.20 -21.92 -10.72
N SER B 36 -11.30 -21.81 -12.04
CA SER B 36 -10.85 -20.62 -12.76
C SER B 36 -11.97 -19.60 -12.84
N GLU B 37 -11.61 -18.35 -13.14
CA GLU B 37 -12.60 -17.31 -13.43
C GLU B 37 -13.36 -17.67 -14.69
N ALA B 38 -12.72 -18.46 -15.54
CA ALA B 38 -13.35 -18.96 -16.76
C ALA B 38 -14.31 -20.12 -16.50
N ALA B 39 -14.27 -20.68 -15.29
CA ALA B 39 -15.20 -21.73 -14.92
C ALA B 39 -16.37 -21.11 -14.17
N LEU B 40 -16.44 -19.79 -14.20
CA LEU B 40 -17.53 -19.05 -13.57
C LEU B 40 -18.37 -18.35 -14.63
N TYR B 41 -17.68 -17.75 -15.60
CA TYR B 41 -18.35 -16.88 -16.58
C TYR B 41 -18.89 -17.64 -17.79
N ARG B 42 -18.44 -18.87 -17.98
CA ARG B 42 -19.03 -19.69 -19.03
C ARG B 42 -20.44 -20.14 -18.61
N HIS B 43 -20.83 -19.81 -17.38
CA HIS B 43 -22.23 -19.91 -16.94
C HIS B 43 -22.90 -18.55 -16.89
N PHE B 44 -22.68 -17.84 -15.80
CA PHE B 44 -23.30 -16.54 -15.55
C PHE B 44 -22.69 -15.48 -16.47
N PRO B 45 -23.53 -14.67 -17.13
CA PRO B 45 -23.06 -13.59 -18.02
C PRO B 45 -22.43 -12.42 -17.27
N SER B 46 -22.55 -12.42 -15.94
CA SER B 46 -22.00 -11.36 -15.10
C SER B 46 -22.19 -11.70 -13.62
N LYS B 47 -21.87 -10.74 -12.76
CA LYS B 47 -22.14 -10.84 -11.33
C LYS B 47 -23.61 -10.63 -11.02
N THR B 48 -24.24 -9.78 -11.83
CA THR B 48 -25.63 -9.39 -11.63
C THR B 48 -26.52 -10.62 -11.56
N ARG B 49 -26.29 -11.57 -12.46
CA ARG B 49 -27.03 -12.83 -12.45
C ARG B 49 -26.69 -13.67 -11.22
N MET B 50 -25.42 -13.67 -10.81
CA MET B 50 -25.01 -14.39 -9.61
C MET B 50 -25.76 -13.90 -8.37
N PHE B 51 -25.99 -12.59 -8.31
CA PHE B 51 -26.67 -11.97 -7.16
C PHE B 51 -28.18 -12.02 -7.30
N ASP B 52 -28.64 -11.94 -8.55
CA ASP B 52 -30.07 -12.08 -8.85
C ASP B 52 -30.56 -13.46 -8.43
N SER B 53 -29.75 -14.47 -8.69
CA SER B 53 -30.07 -15.85 -8.30
C SER B 53 -30.07 -16.00 -6.78
N LEU B 54 -29.51 -15.02 -6.08
CA LEU B 54 -29.47 -15.02 -4.63
C LEU B 54 -30.64 -14.18 -4.08
N ILE B 55 -31.00 -13.12 -4.80
CA ILE B 55 -32.17 -12.33 -4.46
C ILE B 55 -33.41 -13.20 -4.44
N GLU B 56 -33.54 -14.04 -5.47
CA GLU B 56 -34.69 -14.92 -5.62
C GLU B 56 -35.00 -15.72 -4.35
N PHE B 57 -33.97 -16.39 -3.82
CA PHE B 57 -34.15 -17.26 -2.67
C PHE B 57 -34.75 -16.53 -1.47
N ILE B 58 -34.67 -15.21 -1.47
CA ILE B 58 -35.36 -14.44 -0.44
C ILE B 58 -36.81 -14.26 -0.84
N GLU B 59 -37.04 -13.75 -2.06
CA GLU B 59 -38.39 -13.60 -2.59
C GLU B 59 -39.20 -14.86 -2.36
N ASP B 60 -38.64 -15.99 -2.75
CA ASP B 60 -39.32 -17.27 -2.57
C ASP B 60 -39.45 -17.67 -1.10
N SER B 61 -38.33 -17.81 -0.39
CA SER B 61 -38.38 -18.27 0.99
C SER B 61 -38.94 -17.23 1.97
N LEU B 62 -39.53 -16.16 1.46
CA LEU B 62 -40.20 -15.19 2.32
C LEU B 62 -41.62 -14.84 1.84
N ILE B 63 -41.76 -14.35 0.61
CA ILE B 63 -43.09 -14.01 0.07
C ILE B 63 -44.06 -15.18 0.14
N THR B 64 -43.68 -16.28 -0.52
CA THR B 64 -44.49 -17.49 -0.55
C THR B 64 -44.69 -18.04 0.86
N ARG B 65 -43.76 -17.71 1.74
CA ARG B 65 -43.78 -18.20 3.12
C ARG B 65 -44.79 -17.44 3.98
N ILE B 66 -44.93 -16.13 3.73
CA ILE B 66 -45.98 -15.35 4.39
C ILE B 66 -47.36 -15.79 3.93
N ASN B 67 -47.50 -15.94 2.62
CA ASN B 67 -48.74 -16.39 2.00
C ASN B 67 -49.18 -17.72 2.60
N LEU B 68 -48.22 -18.57 2.90
CA LEU B 68 -48.47 -19.86 3.55
C LEU B 68 -49.01 -19.68 4.96
N ILE B 69 -48.45 -18.71 5.70
CA ILE B 69 -48.95 -18.37 7.04
C ILE B 69 -50.44 -18.08 6.98
N LEU B 70 -50.83 -17.22 6.05
CA LEU B 70 -52.20 -16.72 5.92
C LEU B 70 -53.22 -17.83 5.72
N LYS B 71 -52.96 -18.66 4.70
CA LYS B 71 -53.73 -19.87 4.45
C LYS B 71 -53.93 -20.69 5.72
N ASP B 72 -52.84 -20.92 6.44
CA ASP B 72 -52.85 -21.75 7.63
C ASP B 72 -53.26 -20.99 8.90
N GLU B 73 -52.53 -19.92 9.22
CA GLU B 73 -52.83 -19.13 10.41
C GLU B 73 -53.83 -18.03 10.10
N LYS B 74 -54.85 -17.89 10.95
CA LYS B 74 -55.94 -16.95 10.69
C LYS B 74 -55.97 -15.79 11.70
N ASP B 75 -55.59 -16.07 12.95
CA ASP B 75 -55.61 -15.05 13.97
C ASP B 75 -54.66 -13.92 13.64
N THR B 76 -55.11 -12.68 13.82
CA THR B 76 -54.35 -11.51 13.38
C THR B 76 -53.10 -11.23 14.21
N THR B 77 -53.26 -11.15 15.53
CA THR B 77 -52.16 -10.87 16.46
C THR B 77 -51.06 -11.91 16.32
N ALA B 78 -51.50 -13.14 16.02
CA ALA B 78 -50.61 -14.24 15.71
C ALA B 78 -49.90 -14.03 14.37
N ARG B 79 -50.68 -13.73 13.33
CA ARG B 79 -50.13 -13.50 11.98
C ARG B 79 -49.14 -12.36 11.98
N LEU B 80 -49.45 -11.32 12.76
CA LEU B 80 -48.65 -10.11 12.79
C LEU B 80 -47.40 -10.32 13.62
N ARG B 81 -47.32 -11.49 14.25
CA ARG B 81 -46.15 -11.88 15.01
C ARG B 81 -45.20 -12.75 14.19
N LEU B 82 -45.77 -13.75 13.55
CA LEU B 82 -45.02 -14.71 12.77
C LEU B 82 -44.27 -14.03 11.64
N ILE B 83 -44.98 -13.15 10.92
CA ILE B 83 -44.38 -12.35 9.87
C ILE B 83 -43.16 -11.59 10.39
N VAL B 84 -43.28 -11.05 11.60
CA VAL B 84 -42.16 -10.39 12.25
C VAL B 84 -41.02 -11.37 12.56
N LEU B 85 -41.38 -12.53 13.10
CA LEU B 85 -40.39 -13.57 13.36
C LEU B 85 -39.83 -14.05 12.04
N LEU B 86 -40.70 -14.11 11.03
CA LEU B 86 -40.29 -14.53 9.71
C LEU B 86 -39.14 -13.67 9.21
N LEU B 87 -39.23 -12.37 9.47
CA LEU B 87 -38.16 -11.46 9.08
C LEU B 87 -36.91 -11.73 9.90
N LEU B 88 -36.94 -11.28 11.16
CA LEU B 88 -35.82 -11.41 12.09
C LEU B 88 -35.24 -12.82 12.14
N GLY B 89 -36.08 -13.83 11.89
CA GLY B 89 -35.61 -15.21 11.82
C GLY B 89 -34.79 -15.53 10.58
N PHE B 90 -35.31 -15.17 9.40
CA PHE B 90 -34.60 -15.45 8.14
C PHE B 90 -33.24 -14.77 8.13
N GLY B 91 -33.14 -13.66 8.83
CA GLY B 91 -31.88 -12.93 8.95
C GLY B 91 -30.76 -13.70 9.64
N GLU B 92 -30.93 -14.00 10.93
CA GLU B 92 -29.91 -14.65 11.75
C GLU B 92 -29.46 -16.00 11.18
N ARG B 93 -30.33 -16.62 10.41
CA ARG B 93 -30.06 -17.92 9.83
C ARG B 93 -29.34 -17.80 8.49
N ASN B 94 -29.51 -16.66 7.83
CA ASN B 94 -28.73 -16.33 6.63
C ASN B 94 -28.14 -14.93 6.66
N PRO B 95 -27.08 -14.73 7.46
CA PRO B 95 -26.44 -13.41 7.55
C PRO B 95 -25.76 -13.02 6.22
N GLY B 96 -25.37 -14.01 5.43
CA GLY B 96 -24.81 -13.75 4.12
C GLY B 96 -25.82 -13.01 3.26
N LEU B 97 -27.00 -13.61 3.15
CA LEU B 97 -28.11 -13.02 2.39
C LEU B 97 -28.60 -11.70 2.97
N THR B 98 -28.26 -11.45 4.22
CA THR B 98 -28.77 -10.30 4.96
C THR B 98 -28.11 -9.00 4.52
N ARG B 99 -26.81 -9.05 4.25
CA ARG B 99 -26.08 -7.89 3.74
C ARG B 99 -26.65 -7.46 2.38
N ILE B 100 -27.24 -8.42 1.69
CA ILE B 100 -27.97 -8.17 0.45
C ILE B 100 -29.29 -7.49 0.76
N LEU B 101 -30.00 -8.03 1.74
CA LEU B 101 -31.26 -7.45 2.20
C LEU B 101 -31.10 -6.01 2.69
N THR B 102 -30.04 -5.77 3.44
CA THR B 102 -29.81 -4.47 4.05
C THR B 102 -29.34 -3.46 3.00
N GLY B 103 -28.69 -3.97 1.96
CA GLY B 103 -28.27 -3.16 0.84
C GLY B 103 -26.77 -2.91 0.76
N HIS B 104 -26.10 -3.07 1.90
CA HIS B 104 -24.66 -2.82 2.00
C HIS B 104 -23.88 -3.57 0.94
N ALA B 105 -24.16 -4.86 0.85
CA ALA B 105 -23.46 -5.72 -0.08
C ALA B 105 -24.01 -5.53 -1.50
N LEU B 106 -24.92 -4.57 -1.66
CA LEU B 106 -25.41 -4.20 -2.98
C LEU B 106 -24.83 -2.90 -3.48
N MET B 107 -23.94 -2.31 -2.69
CA MET B 107 -23.31 -1.07 -3.10
C MET B 107 -22.30 -1.33 -4.22
N PHE B 108 -21.90 -2.58 -4.37
CA PHE B 108 -20.87 -2.96 -5.32
C PHE B 108 -21.43 -3.37 -6.66
N GLU B 109 -22.63 -3.92 -6.64
CA GLU B 109 -23.27 -4.33 -7.87
C GLU B 109 -24.15 -3.23 -8.44
N GLN B 110 -24.61 -3.43 -9.67
CA GLN B 110 -25.40 -2.44 -10.38
C GLN B 110 -26.71 -2.13 -9.64
N ASP B 111 -27.25 -0.93 -9.82
CA ASP B 111 -28.29 -0.40 -8.93
C ASP B 111 -29.64 -1.06 -9.10
N ARG B 112 -29.81 -1.78 -10.21
CA ARG B 112 -31.06 -2.46 -10.53
C ARG B 112 -31.43 -3.44 -9.44
N LEU B 113 -30.42 -3.85 -8.67
CA LEU B 113 -30.59 -4.89 -7.66
C LEU B 113 -31.22 -4.36 -6.38
N GLN B 114 -30.80 -3.16 -5.95
CA GLN B 114 -31.43 -2.52 -4.81
C GLN B 114 -32.90 -2.24 -5.11
N GLY B 115 -33.18 -1.78 -6.32
CA GLY B 115 -34.56 -1.52 -6.73
C GLY B 115 -35.40 -2.78 -6.65
N ARG B 116 -34.79 -3.90 -7.00
CA ARG B 116 -35.47 -5.19 -6.92
C ARG B 116 -35.59 -5.65 -5.47
N ILE B 117 -34.80 -5.05 -4.58
CA ILE B 117 -34.91 -5.32 -3.15
C ILE B 117 -35.97 -4.42 -2.52
N ASN B 118 -36.05 -3.17 -2.99
CA ASN B 118 -37.15 -2.29 -2.62
C ASN B 118 -38.50 -2.95 -2.88
N GLN B 119 -38.61 -3.61 -4.02
CA GLN B 119 -39.83 -4.32 -4.40
C GLN B 119 -40.23 -5.39 -3.38
N LEU B 120 -39.24 -6.21 -3.01
CA LEU B 120 -39.42 -7.23 -1.98
C LEU B 120 -40.07 -6.60 -0.76
N PHE B 121 -39.52 -5.49 -0.31
CA PHE B 121 -40.10 -4.73 0.80
C PHE B 121 -41.48 -4.15 0.48
N GLU B 122 -41.67 -3.75 -0.76
CA GLU B 122 -42.94 -3.17 -1.17
C GLU B 122 -44.04 -4.23 -1.08
N ARG B 123 -43.71 -5.47 -1.43
CA ARG B 123 -44.71 -6.55 -1.38
C ARG B 123 -45.05 -6.97 0.04
N ILE B 124 -44.03 -7.20 0.86
CA ILE B 124 -44.25 -7.67 2.22
C ILE B 124 -44.92 -6.59 3.08
N GLU B 125 -44.75 -5.32 2.72
CA GLU B 125 -45.46 -4.25 3.41
C GLU B 125 -46.95 -4.24 3.11
N ALA B 126 -47.31 -4.42 1.83
CA ALA B 126 -48.72 -4.45 1.42
C ALA B 126 -49.37 -5.73 1.92
N GLN B 127 -48.57 -6.78 2.02
CA GLN B 127 -49.00 -8.03 2.62
C GLN B 127 -49.30 -7.84 4.10
N LEU B 128 -48.46 -7.07 4.80
CA LEU B 128 -48.74 -6.66 6.17
C LEU B 128 -50.04 -5.89 6.22
N ARG B 129 -50.28 -5.12 5.17
CA ARG B 129 -51.47 -4.27 5.08
C ARG B 129 -52.68 -5.13 4.72
N GLN B 130 -52.42 -6.31 4.17
CA GLN B 130 -53.46 -7.30 3.87
C GLN B 130 -53.97 -7.97 5.15
N VAL B 131 -53.08 -8.14 6.14
CA VAL B 131 -53.45 -8.76 7.41
C VAL B 131 -54.18 -7.76 8.31
N MET B 132 -53.81 -6.48 8.18
CA MET B 132 -54.43 -5.40 8.95
C MET B 132 -55.86 -5.09 8.50
N ARG B 133 -56.09 -5.09 7.19
CA ARG B 133 -57.42 -4.89 6.63
C ARG B 133 -58.40 -5.92 7.17
N GLU B 134 -57.97 -7.18 7.19
CA GLU B 134 -58.86 -8.28 7.50
C GLU B 134 -59.11 -8.44 8.98
N LYS B 135 -59.09 -7.35 9.73
CA LYS B 135 -59.49 -7.45 11.12
C LYS B 135 -60.96 -7.11 11.27
N ARG B 136 -61.42 -6.13 10.49
CA ARG B 136 -62.83 -5.78 10.47
C ARG B 136 -63.65 -6.99 10.08
N MET B 137 -63.38 -7.52 8.89
CA MET B 137 -64.08 -8.68 8.37
C MET B 137 -64.02 -9.87 9.32
N ARG B 138 -62.91 -10.01 10.04
CA ARG B 138 -62.78 -11.11 11.00
C ARG B 138 -63.38 -10.78 12.35
N GLU B 139 -63.12 -9.59 12.85
CA GLU B 139 -63.52 -9.25 14.20
C GLU B 139 -64.33 -7.96 14.29
N GLY B 140 -65.19 -7.72 13.30
CA GLY B 140 -66.14 -6.63 13.33
C GLY B 140 -65.60 -5.23 13.54
N GLU B 141 -64.27 -5.11 13.61
CA GLU B 141 -63.65 -3.86 14.06
C GLU B 141 -62.27 -3.64 13.45
N GLY B 142 -61.95 -2.39 13.14
CA GLY B 142 -60.67 -2.07 12.55
C GLY B 142 -59.75 -1.32 13.49
N TYR B 143 -58.47 -1.28 13.15
CA TYR B 143 -57.47 -0.56 13.95
C TYR B 143 -57.72 0.94 13.89
N THR B 144 -57.40 1.61 14.99
CA THR B 144 -57.62 3.04 15.07
C THR B 144 -56.55 3.78 14.27
N THR B 145 -55.37 3.17 14.17
CA THR B 145 -54.27 3.74 13.40
C THR B 145 -54.37 3.35 11.92
N ASP B 146 -53.83 4.22 11.07
CA ASP B 146 -53.80 4.00 9.62
C ASP B 146 -52.99 2.75 9.30
N GLU B 147 -53.55 1.90 8.46
CA GLU B 147 -52.92 0.64 8.10
C GLU B 147 -51.63 0.86 7.31
N THR B 148 -51.65 1.84 6.41
CA THR B 148 -50.50 2.15 5.56
C THR B 148 -49.31 2.52 6.42
N LEU B 149 -49.61 3.21 7.52
CA LEU B 149 -48.60 3.67 8.43
C LEU B 149 -48.41 2.65 9.56
N LEU B 150 -49.41 1.82 9.78
CA LEU B 150 -49.31 0.74 10.76
C LEU B 150 -48.18 -0.20 10.38
N ALA B 151 -48.38 -0.95 9.29
CA ALA B 151 -47.39 -1.89 8.78
C ALA B 151 -45.98 -1.29 8.63
N SER B 152 -45.92 -0.16 7.91
CA SER B 152 -44.66 0.57 7.68
C SER B 152 -43.88 0.77 8.96
N GLN B 153 -44.60 1.17 10.00
CA GLN B 153 -44.06 1.30 11.34
C GLN B 153 -43.37 0.02 11.83
N ILE B 154 -43.91 -1.13 11.46
CA ILE B 154 -43.36 -2.39 11.95
C ILE B 154 -42.17 -2.77 11.10
N LEU B 155 -42.34 -2.64 9.79
CA LEU B 155 -41.28 -2.93 8.83
C LEU B 155 -40.06 -2.06 9.11
N ALA B 156 -40.32 -0.85 9.60
CA ALA B 156 -39.28 0.02 10.13
C ALA B 156 -38.51 -0.68 11.23
N PHE B 157 -39.23 -1.28 12.17
CA PHE B 157 -38.57 -1.96 13.28
C PHE B 157 -37.71 -3.13 12.81
N CYS B 158 -38.04 -3.72 11.68
CA CYS B 158 -37.32 -4.91 11.24
C CYS B 158 -36.01 -4.59 10.51
N GLU B 159 -36.03 -3.58 9.66
CA GLU B 159 -34.82 -3.14 8.96
C GLU B 159 -33.77 -2.67 9.96
N GLY B 160 -34.22 -1.92 10.96
CA GLY B 160 -33.36 -1.47 12.04
C GLY B 160 -32.88 -2.60 12.93
N MET B 161 -33.40 -3.80 12.71
CA MET B 161 -32.86 -4.97 13.36
C MET B 161 -32.14 -5.83 12.33
N LEU B 162 -32.30 -5.46 11.06
CA LEU B 162 -31.46 -6.05 10.02
C LEU B 162 -30.17 -5.23 9.87
N SER B 163 -30.19 -3.97 10.31
CA SER B 163 -29.00 -3.14 10.25
C SER B 163 -28.04 -3.40 11.41
N ARG B 164 -28.57 -3.52 12.62
CA ARG B 164 -27.73 -3.67 13.81
C ARG B 164 -27.03 -5.02 13.81
N PHE B 165 -27.63 -5.99 13.12
CA PHE B 165 -27.01 -7.29 12.91
C PHE B 165 -25.79 -7.14 12.00
N VAL B 166 -25.86 -6.17 11.10
CA VAL B 166 -24.80 -5.95 10.12
C VAL B 166 -23.66 -5.14 10.72
N ARG B 167 -24.01 -3.98 11.28
CA ARG B 167 -23.05 -3.07 11.86
C ARG B 167 -22.04 -3.77 12.74
N SER B 168 -22.53 -4.67 13.58
CA SER B 168 -21.68 -5.25 14.60
C SER B 168 -20.95 -6.54 14.15
N GLU B 169 -21.22 -6.97 12.90
CA GLU B 169 -20.74 -8.22 12.26
C GLU B 169 -21.35 -9.53 12.82
N PHE B 170 -22.66 -9.54 13.05
CA PHE B 170 -23.45 -10.71 13.48
C PHE B 170 -23.22 -11.11 14.98
N LYS B 171 -23.21 -10.09 15.85
CA LYS B 171 -23.28 -10.20 17.32
C LYS B 171 -24.58 -9.64 17.86
N TYR B 172 -25.11 -8.62 17.18
CA TYR B 172 -26.42 -8.06 17.51
C TYR B 172 -27.51 -8.83 16.78
N ARG B 173 -27.70 -10.07 17.20
CA ARG B 173 -28.66 -10.96 16.59
C ARG B 173 -30.07 -10.42 16.70
N PRO B 174 -30.86 -10.55 15.62
CA PRO B 174 -32.25 -10.09 15.60
C PRO B 174 -33.21 -10.95 16.43
N THR B 175 -32.97 -12.25 16.51
CA THR B 175 -33.93 -13.15 17.16
C THR B 175 -33.67 -13.32 18.64
N ASP B 176 -32.81 -12.50 19.19
CA ASP B 176 -32.55 -12.54 20.62
C ASP B 176 -33.60 -11.73 21.35
N ASP B 177 -34.07 -12.27 22.47
CA ASP B 177 -35.15 -11.68 23.25
C ASP B 177 -36.34 -11.36 22.35
N PHE B 178 -36.99 -12.38 21.81
CA PHE B 178 -38.11 -12.12 20.93
C PHE B 178 -39.44 -12.28 21.65
N ASP B 179 -39.47 -13.14 22.66
CA ASP B 179 -40.62 -13.23 23.55
C ASP B 179 -40.75 -11.94 24.35
N ALA B 180 -39.63 -11.22 24.49
CA ALA B 180 -39.58 -9.99 25.27
C ALA B 180 -39.95 -8.76 24.44
N ARG B 181 -39.24 -8.55 23.33
CA ARG B 181 -39.49 -7.40 22.45
C ARG B 181 -40.93 -7.33 21.99
N TRP B 182 -41.61 -8.47 22.00
CA TRP B 182 -42.87 -8.58 21.27
C TRP B 182 -44.02 -7.73 21.83
N PRO B 183 -44.34 -7.82 23.13
CA PRO B 183 -45.43 -6.98 23.67
C PRO B 183 -45.32 -5.46 23.40
N LEU B 184 -44.12 -5.00 23.05
CA LEU B 184 -43.88 -3.58 22.84
C LEU B 184 -44.50 -3.13 21.53
N ILE B 185 -44.18 -3.87 20.48
CA ILE B 185 -44.77 -3.62 19.17
C ILE B 185 -46.21 -4.11 19.19
N ALA B 186 -46.50 -5.12 20.01
CA ALA B 186 -47.88 -5.56 20.21
C ALA B 186 -48.68 -4.41 20.83
N ALA B 187 -48.07 -3.70 21.76
CA ALA B 187 -48.71 -2.54 22.39
C ALA B 187 -48.84 -1.40 21.41
N GLN B 188 -48.02 -1.40 20.37
CA GLN B 188 -48.22 -0.46 19.28
C GLN B 188 -49.54 -0.78 18.55
N LEU B 189 -49.85 -2.06 18.35
CA LEU B 189 -51.07 -2.46 17.63
C LEU B 189 -52.38 -2.06 18.35
N GLN B 190 -52.30 -1.04 19.19
CA GLN B 190 -53.41 -0.57 20.04
C GLN B 190 -54.64 -0.09 19.27
N ARG C 1 5.07 -20.87 -18.28
CA ARG C 1 6.13 -21.48 -19.08
C ARG C 1 6.58 -20.58 -20.22
N ASN C 2 5.89 -20.67 -21.35
CA ASN C 2 6.21 -19.85 -22.52
C ASN C 2 6.23 -18.37 -22.20
N ARG C 3 5.41 -17.96 -21.23
CA ARG C 3 5.16 -16.56 -20.98
C ARG C 3 5.82 -16.01 -19.73
N ARG C 4 6.01 -16.84 -18.72
CA ARG C 4 6.64 -16.42 -17.46
C ARG C 4 8.16 -16.27 -17.62
N GLU C 5 8.61 -16.12 -18.86
CA GLU C 5 10.03 -15.87 -19.14
C GLU C 5 10.20 -14.75 -20.15
N GLU C 6 9.27 -14.67 -21.12
CA GLU C 6 9.24 -13.59 -22.10
C GLU C 6 9.24 -12.23 -21.43
N ILE C 7 8.55 -12.15 -20.30
CA ILE C 7 8.47 -10.93 -19.52
C ILE C 7 9.85 -10.50 -19.02
N LEU C 8 10.63 -11.48 -18.58
CA LEU C 8 11.96 -11.20 -18.06
C LEU C 8 12.94 -10.78 -19.16
N GLN C 9 12.68 -11.21 -20.39
CA GLN C 9 13.48 -10.81 -21.54
C GLN C 9 13.33 -9.32 -21.78
N SER C 10 12.10 -8.84 -21.64
CA SER C 10 11.79 -7.45 -21.91
C SER C 10 12.34 -6.54 -20.81
N LEU C 11 12.21 -6.99 -19.57
CA LEU C 11 12.87 -6.35 -18.44
C LEU C 11 14.38 -6.29 -18.66
N ALA C 12 14.94 -7.36 -19.22
CA ALA C 12 16.38 -7.47 -19.47
C ALA C 12 16.87 -6.48 -20.53
N LEU C 13 16.20 -6.46 -21.67
CA LEU C 13 16.56 -5.57 -22.77
C LEU C 13 16.52 -4.11 -22.34
N MET C 14 15.44 -3.74 -21.67
CA MET C 14 15.31 -2.40 -21.10
C MET C 14 16.38 -2.11 -20.07
N LEU C 15 16.95 -3.17 -19.49
CA LEU C 15 17.90 -3.06 -18.39
C LEU C 15 19.33 -2.91 -18.87
N GLU C 16 19.55 -3.14 -20.16
CA GLU C 16 20.87 -2.98 -20.76
C GLU C 16 20.83 -2.02 -21.93
N SER C 17 19.65 -1.46 -22.19
CA SER C 17 19.51 -0.45 -23.24
C SER C 17 19.57 0.96 -22.66
N SER C 18 19.11 1.92 -23.46
CA SER C 18 19.11 3.33 -23.08
C SER C 18 18.30 3.62 -21.80
N ASP C 19 17.30 2.78 -21.54
CA ASP C 19 16.32 3.04 -20.50
C ASP C 19 16.68 2.36 -19.18
N GLY C 20 17.87 1.79 -19.10
CA GLY C 20 18.33 1.19 -17.86
C GLY C 20 18.64 2.25 -16.81
N SER C 21 18.73 3.50 -17.25
CA SER C 21 19.01 4.62 -16.34
C SER C 21 17.76 5.08 -15.58
N GLN C 22 16.59 4.80 -16.15
CA GLN C 22 15.32 5.11 -15.51
C GLN C 22 14.73 3.85 -14.86
N ARG C 23 13.49 3.89 -14.40
CA ARG C 23 12.88 2.67 -13.88
C ARG C 23 11.98 2.01 -14.91
N ILE C 24 11.92 0.68 -14.84
CA ILE C 24 11.14 -0.09 -15.78
C ILE C 24 9.71 -0.25 -15.28
N THR C 25 8.96 0.85 -15.39
CA THR C 25 7.57 0.90 -14.97
C THR C 25 6.78 -0.13 -15.73
N THR C 26 5.80 -0.74 -15.06
CA THR C 26 4.98 -1.79 -15.65
C THR C 26 4.34 -1.35 -16.97
N ALA C 27 4.06 -0.06 -17.11
CA ALA C 27 3.53 0.52 -18.35
C ALA C 27 4.58 0.52 -19.47
N LYS C 28 5.78 0.98 -19.14
CA LYS C 28 6.90 0.90 -20.06
C LYS C 28 7.19 -0.54 -20.46
N LEU C 29 7.29 -1.41 -19.46
CA LEU C 29 7.66 -2.80 -19.69
C LEU C 29 6.59 -3.55 -20.50
N ALA C 30 5.32 -3.25 -20.26
CA ALA C 30 4.21 -3.83 -21.01
C ALA C 30 4.40 -3.67 -22.51
N ALA C 31 4.55 -2.43 -22.94
CA ALA C 31 4.80 -2.08 -24.34
C ALA C 31 5.92 -2.93 -24.95
N SER C 32 6.91 -3.27 -24.13
CA SER C 32 7.97 -4.14 -24.59
C SER C 32 7.45 -5.56 -24.82
N VAL C 33 7.03 -6.21 -23.74
CA VAL C 33 6.56 -7.60 -23.78
C VAL C 33 5.54 -7.84 -24.88
N GLY C 34 4.73 -6.82 -25.16
CA GLY C 34 3.73 -6.90 -26.21
C GLY C 34 2.38 -7.38 -25.74
N VAL C 35 2.06 -7.08 -24.48
CA VAL C 35 0.78 -7.42 -23.88
C VAL C 35 0.46 -6.40 -22.79
N SER C 36 -0.82 -6.13 -22.57
CA SER C 36 -1.23 -5.08 -21.64
C SER C 36 -0.68 -5.25 -20.23
N GLU C 37 -0.48 -4.11 -19.56
CA GLU C 37 0.00 -4.03 -18.17
C GLU C 37 -0.68 -5.00 -17.22
N ALA C 38 -1.90 -5.41 -17.56
CA ALA C 38 -2.68 -6.32 -16.74
C ALA C 38 -2.21 -7.75 -16.92
N ALA C 39 -1.78 -8.10 -18.13
CA ALA C 39 -1.31 -9.46 -18.40
C ALA C 39 0.07 -9.69 -17.77
N LEU C 40 0.69 -8.60 -17.34
CA LEU C 40 1.93 -8.66 -16.57
C LEU C 40 1.68 -9.22 -15.16
N TYR C 41 0.51 -8.92 -14.61
CA TYR C 41 0.16 -9.39 -13.28
C TYR C 41 -0.66 -10.66 -13.36
N ARG C 42 -0.16 -11.62 -14.13
CA ARG C 42 -0.83 -12.88 -14.31
C ARG C 42 0.16 -14.01 -13.97
N HIS C 43 1.44 -13.65 -13.92
CA HIS C 43 2.50 -14.58 -13.55
C HIS C 43 3.15 -14.19 -12.24
N PHE C 44 3.34 -12.90 -12.03
CA PHE C 44 4.00 -12.40 -10.83
C PHE C 44 3.10 -11.42 -10.09
N PRO C 45 3.07 -11.52 -8.76
CA PRO C 45 2.26 -10.62 -7.92
C PRO C 45 2.72 -9.17 -8.07
N SER C 46 4.00 -8.92 -7.86
CA SER C 46 4.52 -7.57 -7.93
C SER C 46 5.73 -7.44 -8.86
N LYS C 47 6.08 -6.20 -9.15
CA LYS C 47 7.27 -5.86 -9.91
C LYS C 47 8.52 -6.43 -9.22
N THR C 48 8.44 -6.49 -7.89
CA THR C 48 9.56 -6.87 -7.06
C THR C 48 9.82 -8.37 -7.13
N ARG C 49 8.77 -9.16 -7.34
CA ARG C 49 8.92 -10.60 -7.55
C ARG C 49 9.43 -10.96 -8.96
N MET C 50 9.57 -9.95 -9.82
CA MET C 50 10.26 -10.13 -11.10
C MET C 50 11.78 -10.07 -10.90
N PHE C 51 12.24 -8.95 -10.33
CA PHE C 51 13.66 -8.74 -10.06
C PHE C 51 14.25 -9.85 -9.19
N ASP C 52 13.45 -10.31 -8.25
CA ASP C 52 13.84 -11.36 -7.31
C ASP C 52 14.26 -12.61 -8.07
N SER C 53 13.46 -12.99 -9.06
CA SER C 53 13.78 -14.11 -9.94
C SER C 53 15.04 -13.83 -10.75
N LEU C 54 15.18 -12.59 -11.19
CA LEU C 54 16.32 -12.17 -12.00
C LEU C 54 17.61 -12.23 -11.18
N ILE C 55 17.48 -12.06 -9.86
CA ILE C 55 18.62 -12.15 -8.96
C ILE C 55 19.07 -13.60 -8.74
N GLU C 56 18.10 -14.47 -8.43
CA GLU C 56 18.37 -15.89 -8.17
C GLU C 56 19.13 -16.54 -9.31
N PHE C 57 18.74 -16.17 -10.53
CA PHE C 57 19.47 -16.55 -11.73
C PHE C 57 20.97 -16.36 -11.57
N ILE C 58 21.36 -15.18 -11.09
CA ILE C 58 22.76 -14.90 -10.81
C ILE C 58 23.25 -15.69 -9.61
N GLU C 59 22.37 -15.89 -8.63
CA GLU C 59 22.76 -16.53 -7.38
C GLU C 59 23.29 -17.93 -7.62
N ASP C 60 22.87 -18.53 -8.73
CA ASP C 60 23.34 -19.87 -9.12
C ASP C 60 24.45 -19.80 -10.16
N SER C 61 24.28 -18.91 -11.14
CA SER C 61 25.20 -18.84 -12.28
C SER C 61 26.65 -18.66 -11.84
N LEU C 62 26.87 -17.94 -10.74
CA LEU C 62 28.25 -17.76 -10.27
C LEU C 62 28.72 -18.89 -9.34
N ILE C 63 27.94 -19.26 -8.34
CA ILE C 63 28.41 -20.26 -7.38
C ILE C 63 28.45 -21.65 -8.00
N THR C 64 27.43 -22.03 -8.75
CA THR C 64 27.38 -23.32 -9.41
C THR C 64 28.55 -23.48 -10.39
N ARG C 65 28.84 -22.39 -11.11
CA ARG C 65 29.97 -22.38 -12.05
C ARG C 65 31.32 -22.32 -11.31
N ILE C 66 31.29 -22.03 -10.00
CA ILE C 66 32.54 -21.98 -9.23
C ILE C 66 32.86 -23.34 -8.61
N ASN C 67 31.87 -23.96 -7.98
CA ASN C 67 32.01 -25.31 -7.46
C ASN C 67 32.66 -26.23 -8.50
N LEU C 68 32.24 -26.03 -9.75
CA LEU C 68 32.82 -26.71 -10.91
C LEU C 68 34.31 -26.43 -11.04
N ILE C 69 34.70 -25.17 -10.91
CA ILE C 69 36.11 -24.78 -10.99
C ILE C 69 36.94 -25.53 -9.96
N LEU C 70 36.50 -25.45 -8.72
CA LEU C 70 37.20 -26.07 -7.60
C LEU C 70 37.47 -27.56 -7.80
N LYS C 71 36.62 -28.23 -8.57
CA LYS C 71 36.73 -29.67 -8.75
C LYS C 71 37.55 -30.05 -9.99
N ASP C 72 37.71 -29.10 -10.91
CA ASP C 72 38.37 -29.36 -12.20
C ASP C 72 39.87 -29.07 -12.18
N GLU C 73 40.23 -28.02 -11.44
CA GLU C 73 41.63 -27.69 -11.17
C GLU C 73 41.73 -27.32 -9.70
N LYS C 74 42.71 -27.86 -8.99
CA LYS C 74 42.83 -27.60 -7.55
C LYS C 74 43.96 -26.63 -7.23
N ASP C 75 44.78 -26.35 -8.25
CA ASP C 75 45.79 -25.31 -8.14
C ASP C 75 45.08 -24.00 -7.81
N THR C 76 45.59 -23.33 -6.79
CA THR C 76 44.95 -22.13 -6.26
C THR C 76 45.10 -20.96 -7.22
N THR C 77 46.27 -20.84 -7.82
CA THR C 77 46.51 -19.76 -8.78
C THR C 77 45.56 -19.89 -9.98
N ALA C 78 45.61 -21.03 -10.65
CA ALA C 78 44.75 -21.28 -11.79
C ALA C 78 43.30 -21.05 -11.40
N ARG C 79 42.94 -21.47 -10.19
CA ARG C 79 41.59 -21.32 -9.65
C ARG C 79 41.23 -19.87 -9.32
N LEU C 80 42.10 -19.20 -8.56
CA LEU C 80 41.87 -17.80 -8.18
C LEU C 80 41.72 -16.89 -9.39
N ARG C 81 42.04 -17.42 -10.58
CA ARG C 81 41.98 -16.67 -11.81
C ARG C 81 40.71 -16.95 -12.62
N LEU C 82 40.31 -18.22 -12.62
CA LEU C 82 39.10 -18.66 -13.31
C LEU C 82 37.84 -18.03 -12.68
N ILE C 83 37.88 -17.87 -11.35
CA ILE C 83 36.77 -17.26 -10.63
C ILE C 83 36.64 -15.77 -10.93
N VAL C 84 37.78 -15.11 -11.13
CA VAL C 84 37.81 -13.69 -11.45
C VAL C 84 37.28 -13.46 -12.86
N LEU C 85 37.57 -14.38 -13.77
CA LEU C 85 37.08 -14.29 -15.14
C LEU C 85 35.58 -14.58 -15.20
N LEU C 86 35.08 -15.25 -14.16
CA LEU C 86 33.67 -15.60 -14.10
C LEU C 86 32.80 -14.37 -13.90
N LEU C 87 32.94 -13.75 -12.73
CA LEU C 87 32.18 -12.55 -12.36
C LEU C 87 32.33 -11.42 -13.38
N LEU C 88 33.45 -11.43 -14.09
CA LEU C 88 33.71 -10.44 -15.12
C LEU C 88 33.08 -10.84 -16.44
N GLY C 89 33.30 -12.10 -16.82
CA GLY C 89 32.74 -12.64 -18.04
C GLY C 89 31.23 -12.58 -18.05
N PHE C 90 30.62 -12.91 -16.90
CA PHE C 90 29.17 -12.85 -16.76
C PHE C 90 28.66 -11.44 -16.93
N GLY C 91 29.23 -10.52 -16.15
CA GLY C 91 28.79 -9.13 -16.15
C GLY C 91 28.84 -8.51 -17.53
N GLU C 92 29.74 -9.02 -18.37
CA GLU C 92 29.96 -8.52 -19.72
C GLU C 92 29.08 -9.22 -20.74
N ARG C 93 28.87 -10.52 -20.54
CA ARG C 93 27.98 -11.32 -21.38
C ARG C 93 26.53 -10.93 -21.11
N ASN C 94 26.27 -10.47 -19.89
CA ASN C 94 24.96 -9.98 -19.51
C ASN C 94 24.99 -8.54 -18.98
N PRO C 95 25.02 -7.56 -19.89
CA PRO C 95 24.97 -6.15 -19.53
C PRO C 95 23.78 -5.79 -18.65
N GLY C 96 22.62 -6.35 -18.94
CA GLY C 96 21.40 -6.03 -18.21
C GLY C 96 21.48 -6.36 -16.74
N LEU C 97 21.81 -7.62 -16.44
CA LEU C 97 21.76 -8.14 -15.09
C LEU C 97 22.86 -7.58 -14.20
N THR C 98 23.76 -6.80 -14.80
CA THR C 98 24.90 -6.22 -14.10
C THR C 98 24.48 -4.94 -13.40
N ARG C 99 23.56 -4.21 -14.03
CA ARG C 99 22.94 -3.06 -13.41
C ARG C 99 22.25 -3.50 -12.13
N ILE C 100 21.70 -4.71 -12.16
CA ILE C 100 21.15 -5.38 -11.00
C ILE C 100 22.23 -5.73 -9.98
N LEU C 101 23.30 -6.36 -10.47
CA LEU C 101 24.41 -6.81 -9.64
C LEU C 101 24.98 -5.68 -8.81
N THR C 102 25.24 -4.57 -9.49
CA THR C 102 25.81 -3.40 -8.84
C THR C 102 24.75 -2.61 -8.10
N GLY C 103 23.57 -3.20 -7.97
CA GLY C 103 22.52 -2.63 -7.15
C GLY C 103 22.14 -1.23 -7.58
N HIS C 104 22.28 -0.93 -8.87
CA HIS C 104 21.87 0.36 -9.37
C HIS C 104 20.43 0.27 -9.89
N ALA C 105 20.13 -0.81 -10.57
CA ALA C 105 18.78 -1.05 -11.07
C ALA C 105 17.78 -1.19 -9.93
N LEU C 106 18.26 -1.61 -8.76
CA LEU C 106 17.41 -1.85 -7.60
C LEU C 106 17.04 -0.56 -6.87
N MET C 107 17.68 0.54 -7.27
CA MET C 107 17.45 1.82 -6.63
C MET C 107 15.99 2.23 -6.73
N PHE C 108 15.42 2.03 -7.91
CA PHE C 108 14.01 2.30 -8.16
C PHE C 108 13.13 1.26 -7.48
N GLU C 109 13.75 0.27 -6.84
CA GLU C 109 13.01 -0.85 -6.29
C GLU C 109 13.19 -0.97 -4.80
N GLN C 110 12.83 -2.13 -4.25
CA GLN C 110 12.91 -2.32 -2.83
C GLN C 110 14.34 -2.53 -2.35
N ASP C 111 14.65 -1.97 -1.17
CA ASP C 111 15.96 -2.12 -0.57
C ASP C 111 16.22 -3.55 -0.14
N ARG C 112 15.15 -4.33 -0.05
CA ARG C 112 15.25 -5.74 0.29
C ARG C 112 16.06 -6.51 -0.75
N LEU C 113 15.79 -6.23 -2.03
CA LEU C 113 16.48 -6.89 -3.14
C LEU C 113 18.00 -6.75 -3.03
N GLN C 114 18.44 -5.59 -2.56
CA GLN C 114 19.85 -5.37 -2.27
C GLN C 114 20.33 -6.39 -1.24
N GLY C 115 19.61 -6.49 -0.12
CA GLY C 115 19.92 -7.45 0.93
C GLY C 115 20.24 -8.84 0.41
N ARG C 116 19.66 -9.20 -0.72
CA ARG C 116 19.89 -10.47 -1.38
C ARG C 116 21.16 -10.50 -2.22
N ILE C 117 21.49 -9.39 -2.87
CA ILE C 117 22.71 -9.35 -3.66
C ILE C 117 23.93 -9.25 -2.73
N ASN C 118 23.78 -8.57 -1.59
CA ASN C 118 24.88 -8.47 -0.64
C ASN C 118 25.30 -9.84 -0.12
N GLN C 119 24.32 -10.75 0.00
CA GLN C 119 24.57 -12.11 0.42
C GLN C 119 25.23 -12.92 -0.69
N LEU C 120 24.73 -12.72 -1.91
CA LEU C 120 25.35 -13.29 -3.10
C LEU C 120 26.82 -12.92 -3.09
N PHE C 121 27.09 -11.67 -2.71
CA PHE C 121 28.46 -11.17 -2.63
C PHE C 121 29.25 -11.85 -1.53
N GLU C 122 28.57 -12.19 -0.44
CA GLU C 122 29.24 -12.87 0.67
C GLU C 122 29.84 -14.20 0.23
N ARG C 123 28.96 -15.12 -0.18
CA ARG C 123 29.33 -16.46 -0.63
C ARG C 123 30.52 -16.50 -1.58
N ILE C 124 30.49 -15.61 -2.59
CA ILE C 124 31.61 -15.47 -3.51
C ILE C 124 32.90 -15.20 -2.76
N GLU C 125 32.86 -14.24 -1.84
CA GLU C 125 34.06 -13.88 -1.09
C GLU C 125 34.35 -14.95 -0.04
N ALA C 126 33.30 -15.54 0.51
CA ALA C 126 33.44 -16.60 1.49
C ALA C 126 34.08 -17.83 0.85
N GLN C 127 33.76 -18.04 -0.43
CA GLN C 127 34.42 -19.08 -1.22
C GLN C 127 35.91 -18.77 -1.37
N LEU C 128 36.24 -17.50 -1.63
CA LEU C 128 37.63 -17.10 -1.83
C LEU C 128 38.51 -17.50 -0.66
N ARG C 129 38.13 -17.07 0.53
CA ARG C 129 38.92 -17.27 1.75
C ARG C 129 39.26 -18.75 1.93
N GLN C 130 38.36 -19.62 1.46
CA GLN C 130 38.56 -21.06 1.54
C GLN C 130 39.69 -21.56 0.65
N VAL C 131 39.69 -21.10 -0.60
CA VAL C 131 40.68 -21.52 -1.57
C VAL C 131 42.09 -21.23 -1.08
N MET C 132 42.27 -20.03 -0.54
CA MET C 132 43.54 -19.62 0.03
C MET C 132 44.03 -20.57 1.11
N ARG C 133 43.10 -20.99 1.96
CA ARG C 133 43.40 -21.84 3.10
C ARG C 133 43.73 -23.24 2.64
N GLU C 134 43.22 -23.59 1.47
CA GLU C 134 43.40 -24.92 0.92
C GLU C 134 44.78 -25.10 0.29
N LYS C 135 45.38 -24.02 -0.18
CA LYS C 135 46.67 -24.08 -0.84
C LYS C 135 47.77 -24.56 0.10
N ARG C 136 47.57 -24.31 1.39
CA ARG C 136 48.48 -24.78 2.42
C ARG C 136 48.47 -26.31 2.49
N MET C 137 47.53 -26.93 1.79
CA MET C 137 47.31 -28.36 1.93
C MET C 137 47.71 -29.15 0.69
N ARG C 138 47.36 -28.65 -0.49
CA ARG C 138 47.71 -29.33 -1.73
C ARG C 138 49.20 -29.18 -2.02
N GLU C 139 49.82 -28.16 -1.41
CA GLU C 139 51.23 -27.88 -1.69
C GLU C 139 51.92 -27.08 -0.58
N GLY C 140 51.59 -27.40 0.68
CA GLY C 140 52.27 -26.89 1.86
C GLY C 140 52.75 -25.45 1.83
N GLU C 141 51.99 -24.57 1.21
CA GLU C 141 52.36 -23.17 1.13
C GLU C 141 51.12 -22.29 1.02
N GLY C 142 51.22 -21.06 1.51
CA GLY C 142 50.06 -20.20 1.65
C GLY C 142 50.37 -18.80 1.20
N TYR C 143 49.81 -17.82 1.90
CA TYR C 143 50.13 -16.44 1.63
C TYR C 143 50.62 -15.75 2.88
N THR C 144 51.24 -14.60 2.71
CA THR C 144 51.69 -13.85 3.86
C THR C 144 50.72 -12.73 4.17
N THR C 145 49.85 -12.41 3.21
CA THR C 145 48.79 -11.44 3.43
C THR C 145 47.55 -12.14 3.94
N ASP C 146 46.95 -11.58 4.98
CA ASP C 146 45.73 -12.10 5.60
C ASP C 146 44.69 -12.52 4.56
N GLU C 147 44.10 -13.70 4.77
CA GLU C 147 43.20 -14.28 3.78
C GLU C 147 41.99 -13.39 3.52
N THR C 148 41.44 -12.80 4.57
CA THR C 148 40.26 -11.95 4.44
C THR C 148 40.60 -10.67 3.70
N LEU C 149 41.65 -10.00 4.18
CA LEU C 149 42.16 -8.79 3.57
C LEU C 149 42.46 -9.03 2.08
N LEU C 150 43.21 -10.09 1.79
CA LEU C 150 43.51 -10.48 0.41
C LEU C 150 42.23 -10.78 -0.38
N ALA C 151 41.25 -11.39 0.27
CA ALA C 151 40.01 -11.73 -0.41
C ALA C 151 39.18 -10.49 -0.69
N SER C 152 39.18 -9.56 0.25
CA SER C 152 38.35 -8.36 0.15
C SER C 152 39.00 -7.30 -0.74
N GLN C 153 40.12 -7.66 -1.36
CA GLN C 153 40.82 -6.77 -2.29
C GLN C 153 40.58 -7.21 -3.72
N ILE C 154 40.36 -8.51 -3.90
CA ILE C 154 40.01 -9.06 -5.20
C ILE C 154 38.60 -8.67 -5.57
N LEU C 155 37.69 -8.98 -4.67
CA LEU C 155 36.30 -8.60 -4.81
C LEU C 155 36.19 -7.13 -5.20
N ALA C 156 36.97 -6.31 -4.49
CA ALA C 156 37.09 -4.86 -4.72
C ALA C 156 37.32 -4.55 -6.18
N PHE C 157 38.30 -5.23 -6.75
CA PHE C 157 38.67 -5.00 -8.14
C PHE C 157 37.54 -5.45 -9.08
N CYS C 158 36.98 -6.62 -8.78
CA CYS C 158 35.88 -7.15 -9.57
C CYS C 158 34.63 -6.29 -9.39
N GLU C 159 34.34 -5.89 -8.16
CA GLU C 159 33.24 -4.97 -7.90
C GLU C 159 33.53 -3.61 -8.55
N GLY C 160 34.80 -3.29 -8.70
CA GLY C 160 35.22 -1.99 -9.21
C GLY C 160 35.21 -1.93 -10.72
N MET C 161 35.36 -3.09 -11.35
CA MET C 161 35.35 -3.17 -12.80
C MET C 161 33.90 -3.17 -13.30
N LEU C 162 33.00 -3.74 -12.52
CA LEU C 162 31.59 -3.78 -12.89
C LEU C 162 30.95 -2.41 -12.82
N SER C 163 31.44 -1.56 -11.93
CA SER C 163 30.91 -0.22 -11.76
C SER C 163 31.31 0.70 -12.91
N ARG C 164 32.33 0.30 -13.66
CA ARG C 164 32.80 1.07 -14.81
C ARG C 164 32.10 0.62 -16.07
N PHE C 165 31.72 -0.66 -16.08
CA PHE C 165 30.95 -1.21 -17.18
C PHE C 165 29.62 -0.49 -17.28
N VAL C 166 29.03 -0.22 -16.13
CA VAL C 166 27.72 0.41 -16.07
C VAL C 166 27.78 1.89 -16.40
N ARG C 167 28.62 2.64 -15.68
CA ARG C 167 28.57 4.09 -15.81
C ARG C 167 29.17 4.59 -17.12
N SER C 168 29.82 3.70 -17.86
CA SER C 168 30.31 4.05 -19.19
C SER C 168 29.27 3.70 -20.24
N GLU C 169 28.07 3.32 -19.77
CA GLU C 169 27.01 2.81 -20.64
C GLU C 169 27.53 1.65 -21.48
N PHE C 170 28.16 0.69 -20.81
CA PHE C 170 28.50 -0.60 -21.39
C PHE C 170 29.51 -0.47 -22.51
N LYS C 171 30.29 0.60 -22.44
CA LYS C 171 31.34 0.84 -23.40
C LYS C 171 32.64 0.13 -22.99
N TYR C 172 32.98 0.25 -21.72
CA TYR C 172 34.26 -0.23 -21.20
C TYR C 172 34.16 -1.67 -20.72
N ARG C 173 34.46 -2.60 -21.62
CA ARG C 173 34.41 -4.02 -21.30
C ARG C 173 35.26 -4.35 -20.08
N PRO C 174 34.72 -5.18 -19.19
CA PRO C 174 35.39 -5.63 -17.96
C PRO C 174 36.50 -6.65 -18.21
N THR C 175 36.22 -7.68 -19.01
CA THR C 175 37.22 -8.73 -19.29
C THR C 175 38.18 -8.32 -20.40
N ASP C 176 38.12 -7.06 -20.82
CA ASP C 176 38.98 -6.55 -21.88
C ASP C 176 40.40 -6.27 -21.37
N ASP C 177 41.38 -6.74 -22.15
CA ASP C 177 42.78 -6.77 -21.77
C ASP C 177 42.98 -7.50 -20.44
N PHE C 178 42.19 -8.55 -20.23
CA PHE C 178 42.23 -9.31 -18.99
C PHE C 178 43.60 -9.94 -18.71
N ASP C 179 44.08 -10.69 -19.69
CA ASP C 179 45.35 -11.43 -19.59
C ASP C 179 46.54 -10.58 -19.19
N ALA C 180 46.38 -9.27 -19.27
CA ALA C 180 47.43 -8.35 -18.84
C ALA C 180 47.16 -7.94 -17.41
N ARG C 181 45.88 -7.78 -17.08
CA ARG C 181 45.50 -7.39 -15.73
C ARG C 181 45.86 -8.47 -14.72
N TRP C 182 45.33 -9.68 -14.90
CA TRP C 182 45.50 -10.74 -13.90
C TRP C 182 46.92 -10.93 -13.35
N PRO C 183 47.96 -10.82 -14.20
CA PRO C 183 49.32 -10.77 -13.64
C PRO C 183 49.55 -9.67 -12.61
N LEU C 184 48.81 -8.56 -12.71
CA LEU C 184 48.90 -7.50 -11.72
C LEU C 184 48.10 -7.89 -10.48
N ILE C 185 46.96 -8.53 -10.68
CA ILE C 185 46.17 -8.99 -9.54
C ILE C 185 46.89 -10.11 -8.79
N ALA C 186 47.56 -10.98 -9.54
CA ALA C 186 48.31 -12.07 -8.91
C ALA C 186 49.54 -11.57 -8.16
N ALA C 187 49.83 -10.28 -8.25
CA ALA C 187 51.02 -9.72 -7.62
C ALA C 187 50.82 -9.53 -6.11
N GLN C 188 49.62 -9.17 -5.69
CA GLN C 188 49.30 -9.05 -4.27
C GLN C 188 49.07 -10.43 -3.65
N LEU C 189 49.19 -11.47 -4.46
CA LEU C 189 49.10 -12.84 -3.97
C LEU C 189 50.47 -13.33 -3.50
N GLN C 190 50.82 -13.00 -2.27
CA GLN C 190 52.01 -13.55 -1.63
C GLN C 190 51.86 -13.62 -0.11
N ASN D 2 23.73 33.50 3.17
CA ASN D 2 23.84 32.24 2.45
C ASN D 2 22.77 31.24 2.86
N ARG D 3 21.51 31.63 2.76
CA ARG D 3 20.38 30.75 3.08
C ARG D 3 20.14 29.76 1.94
N ARG D 4 21.06 29.74 0.99
CA ARG D 4 21.04 28.76 -0.08
C ARG D 4 21.91 27.55 0.30
N GLU D 5 22.93 27.79 1.14
CA GLU D 5 23.83 26.72 1.56
C GLU D 5 23.11 25.66 2.39
N GLU D 6 22.26 26.12 3.31
CA GLU D 6 21.52 25.23 4.19
C GLU D 6 20.75 24.15 3.44
N ILE D 7 20.25 24.51 2.26
CA ILE D 7 19.44 23.58 1.45
C ILE D 7 20.31 22.42 0.98
N LEU D 8 21.50 22.75 0.50
CA LEU D 8 22.47 21.75 0.09
C LEU D 8 22.94 20.92 1.29
N GLN D 9 23.07 21.57 2.44
CA GLN D 9 23.41 20.87 3.67
C GLN D 9 22.30 19.90 4.04
N SER D 10 21.07 20.31 3.77
CA SER D 10 19.89 19.51 4.05
C SER D 10 19.81 18.37 3.03
N LEU D 11 20.40 18.58 1.85
CA LEU D 11 20.44 17.54 0.82
C LEU D 11 21.46 16.46 1.17
N ALA D 12 22.53 16.88 1.84
CA ALA D 12 23.58 15.96 2.27
C ALA D 12 23.10 15.08 3.42
N LEU D 13 22.55 15.73 4.45
CA LEU D 13 22.08 15.04 5.64
C LEU D 13 20.97 14.03 5.33
N MET D 14 20.30 14.23 4.20
CA MET D 14 19.27 13.31 3.75
C MET D 14 19.85 12.20 2.88
N LEU D 15 21.00 12.47 2.28
CA LEU D 15 21.64 11.53 1.38
C LEU D 15 22.59 10.64 2.18
N GLU D 16 22.73 11.01 3.46
CA GLU D 16 23.64 10.34 4.39
C GLU D 16 22.87 9.37 5.29
N SER D 17 21.57 9.58 5.39
CA SER D 17 20.71 8.74 6.21
C SER D 17 20.33 7.46 5.48
N SER D 18 19.56 6.60 6.15
CA SER D 18 19.19 5.31 5.60
C SER D 18 18.01 5.42 4.63
N ASP D 19 17.62 6.65 4.34
CA ASP D 19 16.59 6.91 3.34
C ASP D 19 17.25 7.26 2.01
N GLY D 20 18.58 7.32 2.02
CA GLY D 20 19.36 7.68 0.86
C GLY D 20 19.21 6.71 -0.29
N SER D 21 18.93 5.45 0.03
CA SER D 21 18.69 4.42 -0.98
C SER D 21 17.39 4.69 -1.71
N GLN D 22 16.60 5.64 -1.21
CA GLN D 22 15.33 6.00 -1.82
C GLN D 22 15.38 7.43 -2.37
N ARG D 23 14.46 7.75 -3.27
CA ARG D 23 14.37 9.07 -3.89
C ARG D 23 14.20 10.17 -2.84
N ILE D 24 14.73 11.36 -3.13
CA ILE D 24 14.54 12.50 -2.26
C ILE D 24 13.55 13.47 -2.87
N THR D 25 12.30 13.35 -2.47
CA THR D 25 11.24 14.21 -2.95
C THR D 25 11.50 15.67 -2.64
N THR D 26 11.10 16.57 -3.53
CA THR D 26 11.20 17.99 -3.24
C THR D 26 10.29 18.33 -2.05
N ALA D 27 9.37 17.43 -1.72
CA ALA D 27 8.54 17.55 -0.53
C ALA D 27 9.34 17.35 0.75
N LYS D 28 9.82 16.12 0.97
CA LYS D 28 10.54 15.77 2.19
C LYS D 28 11.91 16.46 2.22
N LEU D 29 12.27 17.10 1.11
CA LEU D 29 13.41 18.01 1.09
C LEU D 29 12.98 19.39 1.58
N ALA D 30 11.85 19.90 1.08
CA ALA D 30 11.36 21.20 1.52
C ALA D 30 11.03 21.20 3.00
N ALA D 31 10.70 20.01 3.52
CA ALA D 31 10.37 19.85 4.92
C ALA D 31 11.52 20.22 5.85
N SER D 32 12.71 19.68 5.57
CA SER D 32 13.87 19.86 6.44
C SER D 32 14.26 21.32 6.64
N VAL D 33 14.64 21.98 5.54
CA VAL D 33 15.06 23.38 5.55
C VAL D 33 14.02 24.24 6.27
N GLY D 34 12.75 23.85 6.15
CA GLY D 34 11.69 24.46 6.91
C GLY D 34 10.92 25.52 6.14
N VAL D 35 10.76 25.30 4.84
CA VAL D 35 9.97 26.19 4.01
C VAL D 35 9.12 25.39 3.02
N SER D 36 8.53 26.09 2.06
CA SER D 36 7.66 25.50 1.04
C SER D 36 8.43 25.19 -0.24
N GLU D 37 7.82 24.42 -1.13
CA GLU D 37 8.44 24.11 -2.42
C GLU D 37 8.48 25.31 -3.35
N ALA D 38 8.05 26.47 -2.85
CA ALA D 38 8.12 27.70 -3.64
C ALA D 38 9.42 28.45 -3.38
N ALA D 39 9.96 28.30 -2.18
CA ALA D 39 11.23 28.94 -1.82
C ALA D 39 12.42 28.07 -2.27
N LEU D 40 12.18 26.78 -2.43
CA LEU D 40 13.20 25.90 -3.00
C LEU D 40 13.56 26.42 -4.38
N TYR D 41 12.52 26.75 -5.16
CA TYR D 41 12.71 27.15 -6.54
C TYR D 41 12.95 28.66 -6.71
N ARG D 42 13.11 29.37 -5.59
CA ARG D 42 13.58 30.75 -5.65
C ARG D 42 15.09 30.81 -5.37
N HIS D 43 15.74 29.65 -5.41
CA HIS D 43 17.19 29.57 -5.25
C HIS D 43 17.78 28.59 -6.27
N PHE D 44 16.96 27.67 -6.74
CA PHE D 44 17.37 26.71 -7.76
C PHE D 44 16.25 26.57 -8.80
N PRO D 45 16.63 26.42 -10.08
CA PRO D 45 15.68 26.16 -11.18
C PRO D 45 15.05 24.77 -11.11
N SER D 46 15.86 23.73 -11.07
CA SER D 46 15.36 22.36 -10.92
C SER D 46 16.10 21.66 -9.79
N LYS D 47 15.90 20.35 -9.66
CA LYS D 47 16.63 19.59 -8.65
C LYS D 47 18.05 19.31 -9.15
N THR D 48 18.25 19.46 -10.46
CA THR D 48 19.55 19.23 -11.09
C THR D 48 20.65 20.13 -10.50
N ARG D 49 20.39 21.43 -10.48
CA ARG D 49 21.33 22.43 -9.97
C ARG D 49 21.80 22.13 -8.55
N MET D 50 20.89 21.61 -7.75
CA MET D 50 21.21 21.17 -6.40
C MET D 50 22.33 20.13 -6.41
N PHE D 51 22.20 19.14 -7.29
CA PHE D 51 23.24 18.12 -7.43
C PHE D 51 24.45 18.69 -8.15
N ASP D 52 24.21 19.58 -9.11
CA ASP D 52 25.29 20.24 -9.85
C ASP D 52 26.27 20.95 -8.92
N SER D 53 25.73 21.76 -8.02
CA SER D 53 26.53 22.50 -7.06
C SER D 53 27.28 21.55 -6.13
N LEU D 54 26.58 20.51 -5.66
CA LEU D 54 27.17 19.54 -4.75
C LEU D 54 28.31 18.76 -5.40
N ILE D 55 28.05 18.34 -6.64
CA ILE D 55 29.05 17.70 -7.47
C ILE D 55 30.23 18.63 -7.74
N GLU D 56 29.94 19.91 -7.96
CA GLU D 56 30.98 20.85 -8.33
C GLU D 56 32.00 20.96 -7.21
N PHE D 57 31.50 20.95 -5.98
CA PHE D 57 32.36 20.91 -4.80
C PHE D 57 33.23 19.65 -4.77
N ILE D 58 32.66 18.50 -5.14
CA ILE D 58 33.44 17.28 -5.31
C ILE D 58 34.60 17.52 -6.27
N GLU D 59 34.32 18.06 -7.45
CA GLU D 59 35.37 18.28 -8.46
C GLU D 59 36.54 19.07 -7.89
N ASP D 60 36.28 20.34 -7.56
CA ASP D 60 37.23 21.21 -6.89
C ASP D 60 38.00 20.46 -5.81
N SER D 61 37.33 20.16 -4.69
CA SER D 61 37.94 19.48 -3.53
C SER D 61 38.93 18.38 -3.88
N LEU D 62 38.49 17.44 -4.71
CA LEU D 62 39.33 16.33 -5.09
C LEU D 62 40.42 16.83 -6.04
N ILE D 63 40.02 17.64 -7.03
CA ILE D 63 40.98 18.18 -8.00
C ILE D 63 42.00 19.12 -7.37
N THR D 64 41.57 20.00 -6.47
CA THR D 64 42.53 20.91 -5.86
C THR D 64 43.52 20.22 -4.92
N ARG D 65 43.17 19.02 -4.46
CA ARG D 65 44.05 18.30 -3.56
C ARG D 65 45.07 17.45 -4.30
N ILE D 66 44.63 16.75 -5.34
CA ILE D 66 45.55 15.91 -6.10
C ILE D 66 46.62 16.77 -6.78
N ASN D 67 46.21 17.91 -7.32
CA ASN D 67 47.14 18.92 -7.80
C ASN D 67 48.21 19.27 -6.76
N LEU D 68 47.73 19.66 -5.59
CA LEU D 68 48.56 20.00 -4.45
C LEU D 68 49.58 18.90 -4.13
N ILE D 69 49.17 17.65 -4.29
CA ILE D 69 50.03 16.50 -4.02
C ILE D 69 51.16 16.40 -5.04
N LEU D 70 50.80 16.43 -6.32
CA LEU D 70 51.76 16.35 -7.41
C LEU D 70 52.80 17.47 -7.36
N LYS D 71 52.58 18.45 -6.49
CA LYS D 71 53.50 19.58 -6.34
C LYS D 71 54.43 19.46 -5.14
N ASP D 72 53.86 19.18 -3.97
CA ASP D 72 54.65 19.11 -2.73
C ASP D 72 55.21 17.71 -2.50
N GLU D 73 54.76 16.74 -3.30
CA GLU D 73 55.23 15.37 -3.16
C GLU D 73 55.84 14.88 -4.48
N LYS D 74 57.15 14.70 -4.49
CA LYS D 74 57.87 14.33 -5.70
C LYS D 74 58.10 12.83 -5.82
N ASP D 75 57.70 12.07 -4.82
CA ASP D 75 57.90 10.63 -4.86
C ASP D 75 56.77 9.96 -5.66
N THR D 76 57.15 9.21 -6.69
CA THR D 76 56.21 8.50 -7.57
C THR D 76 55.32 7.53 -6.80
N THR D 77 55.92 6.85 -5.81
CA THR D 77 55.21 5.85 -5.02
C THR D 77 54.30 6.51 -4.00
N ALA D 78 54.92 7.31 -3.14
CA ALA D 78 54.23 8.07 -2.09
C ALA D 78 53.14 8.94 -2.68
N ARG D 79 53.36 9.40 -3.90
CA ARG D 79 52.35 10.13 -4.67
C ARG D 79 50.97 9.50 -4.55
N LEU D 80 50.80 8.36 -5.20
CA LEU D 80 49.50 7.72 -5.29
C LEU D 80 49.14 7.10 -3.94
N ARG D 81 50.14 6.93 -3.09
CA ARG D 81 49.90 6.49 -1.72
C ARG D 81 49.07 7.52 -0.95
N LEU D 82 49.11 8.76 -1.42
CA LEU D 82 48.24 9.80 -0.86
C LEU D 82 46.96 9.93 -1.70
N ILE D 83 47.09 9.84 -3.03
CA ILE D 83 45.98 10.09 -3.95
C ILE D 83 44.82 9.12 -3.70
N VAL D 84 45.17 7.84 -3.59
CA VAL D 84 44.24 6.77 -3.23
C VAL D 84 43.67 6.98 -1.80
N LEU D 85 44.26 7.86 -1.02
CA LEU D 85 43.75 8.17 0.33
C LEU D 85 42.86 9.40 0.32
N LEU D 86 43.11 10.25 -0.66
CA LEU D 86 42.23 11.38 -0.85
C LEU D 86 40.85 10.81 -1.14
N LEU D 87 40.76 9.83 -2.04
CA LEU D 87 39.51 9.17 -2.38
C LEU D 87 38.82 8.47 -1.22
N LEU D 88 39.33 7.28 -0.93
CA LEU D 88 38.85 6.42 0.14
C LEU D 88 38.65 7.22 1.44
N GLY D 89 39.57 8.14 1.72
CA GLY D 89 39.38 9.08 2.80
C GLY D 89 38.16 9.97 2.60
N PHE D 90 38.01 10.53 1.40
CA PHE D 90 36.90 11.46 1.10
C PHE D 90 35.54 10.78 1.17
N GLY D 91 35.48 9.49 0.81
CA GLY D 91 34.25 8.74 0.85
C GLY D 91 33.76 8.61 2.28
N GLU D 92 34.59 8.00 3.12
CA GLU D 92 34.32 7.79 4.54
C GLU D 92 34.03 9.11 5.29
N ARG D 93 34.55 10.21 4.76
CA ARG D 93 34.26 11.52 5.32
C ARG D 93 32.90 12.05 4.87
N ASN D 94 32.54 11.77 3.61
CA ASN D 94 31.25 12.23 3.10
C ASN D 94 30.38 11.08 2.63
N PRO D 95 29.60 10.49 3.57
CA PRO D 95 28.68 9.38 3.25
C PRO D 95 27.72 9.69 2.10
N GLY D 96 26.97 10.78 2.22
CA GLY D 96 25.97 11.13 1.21
C GLY D 96 26.55 11.37 -0.17
N LEU D 97 27.63 12.14 -0.22
CA LEU D 97 28.31 12.47 -1.47
C LEU D 97 28.76 11.22 -2.22
N THR D 98 29.15 10.19 -1.48
CA THR D 98 29.71 8.97 -2.05
C THR D 98 28.65 8.15 -2.78
N ARG D 99 27.39 8.56 -2.65
CA ARG D 99 26.30 8.04 -3.46
C ARG D 99 26.23 8.74 -4.80
N ILE D 100 26.72 9.98 -4.85
CA ILE D 100 26.79 10.72 -6.10
C ILE D 100 27.88 10.14 -7.00
N LEU D 101 29.02 9.85 -6.38
CA LEU D 101 30.14 9.20 -7.07
C LEU D 101 29.73 7.85 -7.63
N THR D 102 29.39 6.93 -6.73
CA THR D 102 29.01 5.57 -7.09
C THR D 102 27.96 5.53 -8.18
N GLY D 103 27.08 6.52 -8.17
CA GLY D 103 26.03 6.65 -9.18
C GLY D 103 24.73 6.01 -8.75
N HIS D 104 24.49 6.00 -7.45
CA HIS D 104 23.22 5.56 -6.91
C HIS D 104 22.25 6.74 -6.70
N ALA D 105 22.78 7.85 -6.19
CA ALA D 105 21.95 9.02 -5.89
C ALA D 105 21.44 9.71 -7.14
N LEU D 106 22.30 9.81 -8.15
CA LEU D 106 21.98 10.51 -9.38
C LEU D 106 21.09 9.67 -10.31
N MET D 107 20.69 8.49 -9.82
CA MET D 107 19.90 7.53 -10.61
C MET D 107 18.45 7.95 -10.71
N PHE D 108 18.18 9.18 -10.29
CA PHE D 108 16.82 9.68 -10.29
C PHE D 108 16.68 10.89 -11.20
N GLU D 109 17.79 11.55 -11.48
CA GLU D 109 17.74 12.81 -12.23
C GLU D 109 18.25 12.64 -13.65
N GLN D 110 18.46 13.78 -14.31
CA GLN D 110 19.03 13.81 -15.64
C GLN D 110 20.32 12.98 -15.72
N ASP D 111 20.48 12.25 -16.82
CA ASP D 111 21.65 11.42 -17.06
C ASP D 111 22.90 12.28 -17.20
N ARG D 112 22.68 13.55 -17.52
CA ARG D 112 23.75 14.52 -17.72
C ARG D 112 24.57 14.71 -16.45
N LEU D 113 24.03 14.28 -15.32
CA LEU D 113 24.73 14.39 -14.04
C LEU D 113 25.73 13.27 -13.82
N GLN D 114 25.48 12.14 -14.48
CA GLN D 114 26.45 11.05 -14.49
C GLN D 114 27.66 11.47 -15.33
N GLY D 115 27.40 12.14 -16.45
CA GLY D 115 28.46 12.66 -17.30
C GLY D 115 29.47 13.51 -16.55
N ARG D 116 28.97 14.44 -15.74
CA ARG D 116 29.78 15.25 -14.85
C ARG D 116 30.76 14.40 -14.04
N ILE D 117 30.23 13.36 -13.40
CA ILE D 117 31.02 12.45 -12.59
C ILE D 117 31.95 11.58 -13.44
N ASN D 118 31.42 11.08 -14.55
CA ASN D 118 32.20 10.29 -15.49
C ASN D 118 33.50 11.01 -15.87
N GLN D 119 33.38 12.30 -16.17
CA GLN D 119 34.55 13.11 -16.52
C GLN D 119 35.54 13.25 -15.36
N LEU D 120 35.02 13.22 -14.14
CA LEU D 120 35.84 13.41 -12.95
C LEU D 120 36.75 12.22 -12.74
N PHE D 121 36.18 11.02 -12.81
CA PHE D 121 36.96 9.80 -12.77
C PHE D 121 37.96 9.83 -13.91
N GLU D 122 37.47 10.14 -15.11
CA GLU D 122 38.31 10.22 -16.29
C GLU D 122 39.44 11.23 -16.10
N ARG D 123 39.19 12.27 -15.30
CA ARG D 123 40.21 13.26 -15.00
C ARG D 123 41.10 12.79 -13.86
N ILE D 124 40.50 12.21 -12.83
CA ILE D 124 41.28 11.60 -11.75
C ILE D 124 42.20 10.53 -12.33
N GLU D 125 41.67 9.69 -13.22
CA GLU D 125 42.42 8.57 -13.80
C GLU D 125 43.54 9.04 -14.73
N ALA D 126 43.44 10.29 -15.18
CA ALA D 126 44.46 10.86 -16.07
C ALA D 126 45.62 11.44 -15.26
N GLN D 127 45.30 12.27 -14.27
CA GLN D 127 46.31 12.86 -13.40
C GLN D 127 46.97 11.77 -12.54
N LEU D 128 46.34 10.59 -12.51
CA LEU D 128 46.89 9.40 -11.87
C LEU D 128 47.81 8.66 -12.85
N ARG D 129 47.35 8.54 -14.09
CA ARG D 129 48.13 8.04 -15.21
C ARG D 129 49.43 8.83 -15.36
N GLN D 130 49.33 10.15 -15.18
CA GLN D 130 50.47 11.05 -15.26
C GLN D 130 51.57 10.67 -14.29
N VAL D 131 51.20 10.47 -13.02
CA VAL D 131 52.12 10.06 -11.95
C VAL D 131 52.93 8.82 -12.34
N MET D 132 52.25 7.89 -13.03
CA MET D 132 52.88 6.68 -13.53
C MET D 132 53.85 6.98 -14.67
N ARG D 133 53.46 7.86 -15.57
CA ARG D 133 54.31 8.22 -16.71
C ARG D 133 55.62 8.85 -16.26
N GLU D 134 55.52 9.79 -15.33
CA GLU D 134 56.67 10.60 -14.92
C GLU D 134 57.79 9.76 -14.31
N LYS D 135 57.42 8.68 -13.61
CA LYS D 135 58.37 7.71 -13.04
C LYS D 135 59.55 7.42 -13.97
N ARG D 136 59.28 7.45 -15.27
CA ARG D 136 60.33 7.39 -16.28
C ARG D 136 61.31 8.54 -16.12
N MET D 137 60.86 9.75 -16.44
CA MET D 137 61.76 10.90 -16.51
C MET D 137 62.36 11.26 -15.16
N ARG D 138 61.85 10.67 -14.09
CA ARG D 138 62.37 10.90 -12.75
C ARG D 138 63.32 9.81 -12.31
N GLU D 139 63.30 8.68 -13.03
CA GLU D 139 64.10 7.53 -12.62
C GLU D 139 64.64 6.70 -13.79
N GLY D 140 64.41 7.15 -15.03
CA GLY D 140 64.90 6.44 -16.20
C GLY D 140 64.23 5.10 -16.46
N GLU D 141 64.11 4.30 -15.41
CA GLU D 141 63.44 3.01 -15.45
C GLU D 141 61.94 3.19 -15.70
N GLY D 142 61.49 2.86 -16.90
CA GLY D 142 60.08 2.95 -17.24
C GLY D 142 59.30 1.94 -16.42
N TYR D 143 58.05 1.70 -16.76
CA TYR D 143 57.28 0.72 -15.99
C TYR D 143 57.29 -0.63 -16.69
N THR D 144 57.40 -1.69 -15.90
CA THR D 144 57.38 -3.04 -16.44
C THR D 144 55.96 -3.41 -16.82
N THR D 145 55.02 -2.49 -16.56
CA THR D 145 53.61 -2.68 -16.91
C THR D 145 53.01 -1.40 -17.51
N ASP D 146 52.13 -1.59 -18.50
CA ASP D 146 51.43 -0.51 -19.21
C ASP D 146 50.86 0.56 -18.27
N GLU D 147 51.20 1.81 -18.54
CA GLU D 147 50.85 2.94 -17.67
C GLU D 147 49.34 3.14 -17.54
N THR D 148 48.63 3.01 -18.65
CA THR D 148 47.18 3.18 -18.64
C THR D 148 46.52 1.97 -18.01
N LEU D 149 47.12 0.81 -18.22
CA LEU D 149 46.61 -0.43 -17.66
C LEU D 149 46.75 -0.45 -16.14
N LEU D 150 47.93 -0.09 -15.65
CA LEU D 150 48.13 0.04 -14.21
C LEU D 150 47.28 1.19 -13.66
N ALA D 151 47.12 2.25 -14.44
CA ALA D 151 46.31 3.40 -14.02
C ALA D 151 44.90 2.99 -13.69
N SER D 152 44.21 2.45 -14.68
CA SER D 152 42.83 1.98 -14.52
C SER D 152 42.70 1.01 -13.37
N GLN D 153 43.56 -0.01 -13.39
CA GLN D 153 43.60 -1.07 -12.37
C GLN D 153 43.55 -0.54 -10.94
N ILE D 154 44.22 0.58 -10.69
CA ILE D 154 44.20 1.21 -9.37
C ILE D 154 42.88 1.95 -9.12
N LEU D 155 42.28 2.50 -10.16
CA LEU D 155 41.00 3.19 -10.00
C LEU D 155 39.88 2.20 -9.71
N ALA D 156 39.94 1.02 -10.33
CA ALA D 156 38.96 -0.04 -10.13
C ALA D 156 38.78 -0.38 -8.65
N PHE D 157 39.90 -0.62 -7.97
CA PHE D 157 39.93 -0.84 -6.54
C PHE D 157 39.32 0.33 -5.79
N CYS D 158 39.47 1.53 -6.36
CA CYS D 158 39.02 2.76 -5.72
C CYS D 158 37.55 2.99 -5.97
N GLU D 159 37.01 2.42 -7.04
CA GLU D 159 35.58 2.52 -7.27
C GLU D 159 34.86 1.28 -6.75
N GLY D 160 35.66 0.35 -6.21
CA GLY D 160 35.14 -0.86 -5.60
C GLY D 160 34.98 -0.73 -4.09
N MET D 161 36.02 -0.25 -3.43
CA MET D 161 36.00 0.03 -1.98
C MET D 161 34.85 0.94 -1.55
N LEU D 162 34.54 1.93 -2.40
CA LEU D 162 33.44 2.88 -2.20
C LEU D 162 32.10 2.26 -2.55
N SER D 163 32.09 1.36 -3.53
CA SER D 163 30.85 0.71 -3.93
C SER D 163 30.46 -0.31 -2.85
N ARG D 164 31.44 -0.95 -2.26
CA ARG D 164 31.19 -1.84 -1.12
C ARG D 164 30.81 -1.05 0.12
N PHE D 165 31.28 0.19 0.17
CA PHE D 165 30.96 1.12 1.26
C PHE D 165 29.47 1.40 1.28
N VAL D 166 28.96 1.97 0.19
CA VAL D 166 27.56 2.35 0.09
C VAL D 166 26.63 1.16 0.28
N ARG D 167 26.93 0.09 -0.45
CA ARG D 167 26.12 -1.14 -0.45
C ARG D 167 25.71 -1.60 0.94
N SER D 168 26.59 -1.43 1.91
CA SER D 168 26.30 -1.89 3.26
C SER D 168 26.06 -0.71 4.21
N GLU D 169 25.31 0.28 3.71
CA GLU D 169 25.08 1.57 4.36
C GLU D 169 26.27 2.08 5.15
N PHE D 170 27.41 2.16 4.47
CA PHE D 170 28.60 2.77 5.03
C PHE D 170 29.12 2.03 6.26
N LYS D 171 29.07 0.69 6.21
CA LYS D 171 29.60 -0.10 7.31
C LYS D 171 31.02 -0.58 7.00
N TYR D 172 31.28 -0.94 5.74
CA TYR D 172 32.61 -1.37 5.32
C TYR D 172 33.49 -0.17 4.99
N ARG D 173 33.78 0.66 5.98
CA ARG D 173 34.43 1.96 5.71
C ARG D 173 35.73 1.78 4.92
N PRO D 174 35.94 2.63 3.90
CA PRO D 174 37.05 2.45 2.95
C PRO D 174 38.43 2.36 3.58
N THR D 175 38.79 3.33 4.41
CA THR D 175 40.16 3.50 4.89
C THR D 175 40.56 2.58 6.05
N ASP D 176 39.70 1.62 6.36
CA ASP D 176 39.96 0.72 7.47
C ASP D 176 40.88 -0.42 7.07
N ASP D 177 41.81 -0.75 7.96
CA ASP D 177 42.87 -1.71 7.69
C ASP D 177 43.55 -1.30 6.40
N PHE D 178 43.77 -0.01 6.22
CA PHE D 178 44.31 0.45 4.95
C PHE D 178 45.83 0.38 4.92
N ASP D 179 46.49 0.72 6.03
CA ASP D 179 47.94 0.66 6.07
C ASP D 179 48.41 -0.75 5.74
N ALA D 180 47.56 -1.71 6.05
CA ALA D 180 47.80 -3.09 5.65
C ALA D 180 47.23 -3.36 4.27
N ARG D 181 46.64 -2.34 3.65
CA ARG D 181 45.92 -2.50 2.38
C ARG D 181 46.73 -1.96 1.21
N TRP D 182 47.39 -0.83 1.48
CA TRP D 182 48.31 -0.21 0.52
C TRP D 182 49.41 -1.15 0.00
N PRO D 183 50.02 -2.00 0.85
CA PRO D 183 51.05 -2.89 0.31
C PRO D 183 50.56 -3.81 -0.80
N LEU D 184 49.25 -3.88 -1.04
CA LEU D 184 48.74 -4.76 -2.07
C LEU D 184 48.59 -3.99 -3.38
N ILE D 185 48.75 -2.67 -3.28
CA ILE D 185 48.62 -1.78 -4.43
C ILE D 185 49.99 -1.48 -5.06
N ALA D 186 50.93 -1.05 -4.22
CA ALA D 186 52.29 -0.82 -4.66
C ALA D 186 52.94 -2.14 -5.09
N ALA D 187 52.38 -3.24 -4.61
CA ALA D 187 52.77 -4.58 -5.03
C ALA D 187 52.61 -4.78 -6.53
N GLN D 188 51.93 -3.84 -7.18
CA GLN D 188 51.76 -3.86 -8.62
C GLN D 188 52.70 -2.85 -9.28
N LEU D 189 53.29 -1.97 -8.48
CA LEU D 189 54.20 -0.95 -9.01
C LEU D 189 55.55 -1.54 -9.42
N GLN D 190 55.73 -1.74 -10.72
CA GLN D 190 56.93 -2.35 -11.27
C GLN D 190 57.34 -1.67 -12.57
N LEU G 1 35.31 -21.48 -18.41
CA LEU G 1 34.91 -22.38 -19.48
C LEU G 1 33.76 -21.80 -20.30
N ASP G 2 32.57 -21.78 -19.71
CA ASP G 2 31.39 -21.28 -20.41
C ASP G 2 30.59 -20.29 -19.56
N ILE G 3 30.66 -19.02 -19.94
CA ILE G 3 29.89 -17.97 -19.29
C ILE G 3 28.50 -17.86 -19.93
N PRO G 4 27.45 -18.17 -19.16
CA PRO G 4 26.09 -18.15 -19.72
C PRO G 4 25.53 -16.75 -19.89
N ALA G 5 24.50 -16.61 -20.72
CA ALA G 5 23.81 -15.35 -20.89
C ALA G 5 22.33 -15.55 -20.68
N PHE G 6 21.65 -14.54 -20.17
CA PHE G 6 20.20 -14.61 -20.02
C PHE G 6 19.56 -14.43 -21.39
N LEU G 7 20.12 -13.53 -22.19
CA LEU G 7 19.57 -13.27 -23.51
C LEU G 7 20.18 -14.21 -24.53
N ARG G 8 19.35 -14.66 -25.46
CA ARG G 8 19.79 -15.57 -26.51
C ARG G 8 20.31 -14.77 -27.69
N LEU H 1 48.09 17.11 4.09
CA LEU H 1 46.91 17.19 3.25
C LEU H 1 45.68 16.77 4.05
N ASP H 2 44.59 17.52 3.91
CA ASP H 2 43.38 17.20 4.65
C ASP H 2 42.17 17.05 3.74
N ILE H 3 41.32 16.09 4.08
CA ILE H 3 40.13 15.80 3.31
C ILE H 3 38.98 16.67 3.78
N PRO H 4 38.35 17.39 2.85
CA PRO H 4 37.27 18.31 3.20
C PRO H 4 35.96 17.58 3.52
N ALA H 5 35.15 18.20 4.38
CA ALA H 5 33.88 17.62 4.82
C ALA H 5 32.76 18.63 4.65
N PHE H 6 31.99 18.47 3.59
CA PHE H 6 30.95 19.43 3.25
C PHE H 6 29.81 19.43 4.27
N LEU H 7 29.40 18.23 4.65
CA LEU H 7 28.35 18.03 5.64
C LEU H 7 28.63 18.70 6.98
N ARG H 8 28.67 20.03 6.99
CA ARG H 8 29.01 20.78 8.20
C ARG H 8 27.88 20.74 9.22
N LEU I 1 -35.61 23.16 15.12
CA LEU I 1 -35.65 24.62 15.28
C LEU I 1 -34.24 25.19 15.30
N ASP I 2 -33.30 24.40 14.77
CA ASP I 2 -31.89 24.76 14.76
C ASP I 2 -31.11 23.67 14.01
N ILE I 3 -31.85 22.77 13.35
CA ILE I 3 -31.28 21.58 12.70
C ILE I 3 -30.03 21.93 11.92
N PRO I 4 -28.88 21.46 12.40
CA PRO I 4 -27.63 21.78 11.70
C PRO I 4 -27.62 21.19 10.30
N ALA I 5 -27.82 22.05 9.30
CA ALA I 5 -27.78 21.64 7.92
C ALA I 5 -26.36 21.79 7.42
N PHE I 6 -25.76 20.71 6.94
CA PHE I 6 -24.37 20.78 6.54
C PHE I 6 -24.22 21.49 5.19
N LEU I 7 -24.92 20.96 4.20
CA LEU I 7 -24.74 21.39 2.81
C LEU I 7 -25.26 22.80 2.61
N ARG I 8 -25.27 23.22 1.36
CA ARG I 8 -25.65 24.57 0.99
C ARG I 8 -27.11 24.56 0.53
N LEU J 1 -43.97 -21.92 12.62
CA LEU J 1 -43.29 -22.10 11.35
C LEU J 1 -41.82 -22.52 11.51
N ASP J 2 -41.22 -22.96 10.42
CA ASP J 2 -39.78 -23.17 10.37
C ASP J 2 -39.15 -22.22 9.35
N ILE J 3 -38.03 -21.62 9.71
CA ILE J 3 -37.41 -20.65 8.82
C ILE J 3 -36.23 -21.28 8.09
N PRO J 4 -36.25 -21.23 6.75
CA PRO J 4 -35.31 -21.94 5.87
C PRO J 4 -33.94 -21.27 5.74
N ALA J 5 -32.95 -22.04 5.32
CA ALA J 5 -31.60 -21.54 5.24
C ALA J 5 -30.91 -21.92 3.94
N PHE J 6 -30.05 -21.04 3.48
CA PHE J 6 -29.30 -21.24 2.26
C PHE J 6 -28.15 -22.23 2.48
N LEU J 7 -27.63 -22.28 3.71
CA LEU J 7 -26.52 -23.17 4.00
C LEU J 7 -26.95 -24.63 4.08
N ARG J 8 -27.40 -25.15 2.95
CA ARG J 8 -27.75 -26.56 2.83
C ARG J 8 -26.44 -27.35 2.93
#